data_5X3E
#
_entry.id   5X3E
#
_cell.length_a   244.152
_cell.length_b   244.152
_cell.length_c   42.217
_cell.angle_alpha   90.00
_cell.angle_beta   90.00
_cell.angle_gamma   120.00
#
_symmetry.space_group_name_H-M   'P 6'
#
loop_
_entity.id
_entity.type
_entity.pdbx_description
1 polymer 'Kinesin-like protein'
2 non-polymer 'SULFATE ION'
3 non-polymer 'IODIDE ION'
4 water water
#
_entity_poly.entity_id   1
_entity_poly.type   'polypeptide(L)'
_entity_poly.pdbx_seq_one_letter_code
;GHMGSSGGMSSRKRGITPSRDQVRRKKLSIEETDSIEVVCRLCPYTGSTPSLIAIDEGSIQTVLPPAQFRRENAPQVEKV
FRFGRVFSENDGQATVFERTSVDLILNLLKGQNSLLFTYGVTGSGKTYTMTGKPTETGTGLLPRTLDVIFNSINNRVEKC
IFYPSALNTFEIRATLDAHLKRHQMAADRLSTSREITDRYCEAIKLSGYNDDMVCSVFVTYVEIYNNYCYDLLEDARNGV
LTKREIRHDRQQQMYVDGAKDVEVSSSEEALEVFCLGEERRRVSSTLLNKDSSRSHSVFTIKLVMAPRAYETKSVYPTMD
SSQIIVSQLCLVDLAGSERAKRTQNVGERLAEANSINQSLMTLRQCIEVLRRNQKSSSQNLEQVPYRQSKLTHLFKNYLE
GNGKIRMVICVNPKPDDYDENMSALAFAEESQTIEVKKQVERMPSERIP
;
_entity_poly.pdbx_strand_id   A,B
#
# COMPACT_ATOMS: atom_id res chain seq x y z
N THR A 33 -14.39 -16.91 35.87
CA THR A 33 -14.83 -17.76 34.77
C THR A 33 -13.93 -17.59 33.55
N ASP A 34 -14.24 -18.30 32.47
CA ASP A 34 -13.42 -18.27 31.25
C ASP A 34 -14.05 -17.28 30.27
N SER A 35 -13.82 -16.00 30.53
CA SER A 35 -14.26 -14.95 29.63
C SER A 35 -13.31 -14.86 28.44
N ILE A 36 -13.60 -13.95 27.51
CA ILE A 36 -12.69 -13.76 26.39
C ILE A 36 -11.42 -13.10 26.89
N GLU A 37 -10.28 -13.57 26.42
CA GLU A 37 -9.00 -12.95 26.71
C GLU A 37 -8.37 -12.48 25.41
N VAL A 38 -7.74 -11.31 25.46
CA VAL A 38 -7.01 -10.77 24.33
C VAL A 38 -5.55 -10.61 24.76
N VAL A 39 -4.64 -11.21 23.98
CA VAL A 39 -3.21 -11.09 24.22
C VAL A 39 -2.57 -10.49 22.99
N CYS A 40 -1.38 -9.95 23.16
CA CYS A 40 -0.68 -9.23 22.12
C CYS A 40 0.75 -9.75 22.01
N ARG A 41 1.25 -9.86 20.77
CA ARG A 41 2.58 -10.40 20.52
C ARG A 41 3.34 -9.48 19.58
N LEU A 42 4.48 -8.97 20.05
CA LEU A 42 5.33 -8.12 19.23
C LEU A 42 6.27 -8.99 18.40
N CYS A 43 6.40 -8.65 17.12
CA CYS A 43 7.37 -9.36 16.29
C CYS A 43 8.76 -8.73 16.45
N PRO A 44 9.81 -9.42 16.03
CA PRO A 44 11.15 -8.82 16.11
C PRO A 44 11.24 -7.52 15.32
N TYR A 45 11.91 -6.53 15.91
CA TYR A 45 12.09 -5.21 15.31
C TYR A 45 13.48 -4.68 15.62
N THR A 46 14.32 -4.58 14.60
CA THR A 46 15.70 -4.11 14.76
C THR A 46 15.82 -2.63 14.38
N GLY A 47 15.08 -1.77 15.08
CA GLY A 47 15.12 -0.35 14.83
C GLY A 47 15.26 0.43 16.13
N SER A 48 15.51 1.74 15.97
CA SER A 48 15.61 2.64 17.11
C SER A 48 14.32 3.41 17.38
N THR A 49 13.45 3.56 16.38
CA THR A 49 12.21 4.31 16.53
C THR A 49 11.02 3.36 16.45
N PRO A 50 10.52 2.86 17.58
CA PRO A 50 9.35 1.99 17.58
C PRO A 50 8.04 2.76 17.73
N SER A 51 6.99 2.23 17.12
CA SER A 51 5.67 2.85 17.25
C SER A 51 4.96 2.43 18.53
N LEU A 52 5.43 1.37 19.20
CA LEU A 52 4.89 0.98 20.50
C LEU A 52 5.93 0.15 21.23
N ILE A 53 5.81 0.15 22.56
CA ILE A 53 6.76 -0.49 23.47
C ILE A 53 5.99 -1.23 24.55
N ALA A 54 6.46 -2.43 24.89
CA ALA A 54 5.87 -3.20 25.97
C ALA A 54 6.35 -2.68 27.32
N ILE A 55 5.45 -2.71 28.31
CA ILE A 55 5.76 -2.19 29.64
C ILE A 55 5.64 -3.29 30.68
N ASP A 56 4.41 -3.52 31.13
CA ASP A 56 4.12 -4.35 32.30
C ASP A 56 4.13 -5.85 32.02
N GLU A 57 4.49 -6.27 30.80
CA GLU A 57 4.22 -7.62 30.30
C GLU A 57 2.72 -7.89 30.23
N GLY A 58 1.91 -6.87 30.51
CA GLY A 58 0.47 -6.89 30.30
C GLY A 58 -0.02 -5.55 29.80
N SER A 59 0.91 -4.67 29.41
CA SER A 59 0.57 -3.33 28.94
C SER A 59 1.52 -2.93 27.82
N ILE A 60 1.04 -2.02 26.97
CA ILE A 60 1.78 -1.54 25.80
C ILE A 60 1.50 -0.06 25.63
N GLN A 61 2.56 0.72 25.37
CA GLN A 61 2.44 2.15 25.20
C GLN A 61 2.65 2.55 23.75
N THR A 62 1.83 3.48 23.27
CA THR A 62 1.94 4.03 21.92
C THR A 62 3.05 5.08 21.87
N VAL A 63 3.72 5.16 20.72
CA VAL A 63 4.86 6.07 20.53
C VAL A 63 4.75 6.74 19.16
N LEU A 64 4.51 8.05 19.15
CA LEU A 64 4.50 8.79 17.90
C LEU A 64 5.89 8.77 17.26
N PRO A 65 6.01 8.38 15.97
CA PRO A 65 7.28 8.37 15.24
C PRO A 65 7.93 9.75 15.15
N GLU A 78 0.68 8.06 22.73
CA GLU A 78 -0.29 8.85 23.49
C GLU A 78 -1.44 7.99 24.05
N LYS A 79 -1.36 6.67 23.86
CA LYS A 79 -2.33 5.74 24.44
C LYS A 79 -1.60 4.55 25.05
N VAL A 80 -2.22 3.98 26.08
CA VAL A 80 -1.70 2.81 26.76
C VAL A 80 -2.79 1.74 26.75
N PHE A 81 -2.44 0.54 26.30
CA PHE A 81 -3.40 -0.54 26.15
C PHE A 81 -3.06 -1.69 27.09
N ARG A 82 -4.08 -2.27 27.70
CA ARG A 82 -3.93 -3.35 28.65
C ARG A 82 -4.48 -4.64 28.05
N PHE A 83 -3.65 -5.68 28.06
CA PHE A 83 -4.03 -7.01 27.59
C PHE A 83 -3.83 -8.01 28.71
N GLY A 84 -4.40 -9.21 28.53
CA GLY A 84 -4.18 -10.26 29.50
C GLY A 84 -2.74 -10.70 29.60
N ARG A 85 -1.95 -10.48 28.55
CA ARG A 85 -0.54 -10.82 28.50
C ARG A 85 0.05 -10.19 27.25
N VAL A 86 1.27 -9.66 27.37
CA VAL A 86 2.00 -9.08 26.25
C VAL A 86 3.27 -9.89 26.03
N PHE A 87 3.42 -10.43 24.83
CA PHE A 87 4.65 -11.12 24.44
C PHE A 87 5.57 -10.15 23.72
N SER A 88 6.87 -10.26 24.03
CA SER A 88 7.91 -9.46 23.41
C SER A 88 8.61 -10.28 22.34
N GLU A 89 9.64 -9.68 21.72
CA GLU A 89 10.44 -10.40 20.74
C GLU A 89 11.15 -11.61 21.35
N ASN A 90 11.41 -11.57 22.65
CA ASN A 90 12.15 -12.66 23.27
C ASN A 90 11.28 -13.88 23.52
N ASP A 91 9.98 -13.70 23.67
CA ASP A 91 9.07 -14.82 23.92
C ASP A 91 8.96 -15.68 22.66
N GLY A 92 9.43 -16.92 22.73
CA GLY A 92 9.44 -17.81 21.59
C GLY A 92 8.12 -18.56 21.40
N GLN A 93 8.12 -19.44 20.40
CA GLN A 93 6.90 -20.17 20.03
C GLN A 93 6.38 -21.01 21.19
N ALA A 94 7.28 -21.74 21.85
CA ALA A 94 6.87 -22.60 22.96
C ALA A 94 6.20 -21.79 24.07
N THR A 95 6.73 -20.60 24.36
CA THR A 95 6.12 -19.78 25.40
C THR A 95 4.74 -19.29 24.99
N VAL A 96 4.60 -18.83 23.73
CA VAL A 96 3.30 -18.44 23.22
C VAL A 96 2.32 -19.61 23.29
N PHE A 97 2.74 -20.77 22.79
CA PHE A 97 1.84 -21.92 22.70
C PHE A 97 1.27 -22.31 24.07
N GLU A 98 2.12 -22.39 25.09
CA GLU A 98 1.63 -22.77 26.41
C GLU A 98 0.68 -21.73 26.98
N ARG A 99 0.97 -20.45 26.77
CA ARG A 99 0.16 -19.37 27.32
C ARG A 99 -1.11 -19.12 26.51
N THR A 100 -1.16 -19.61 25.28
CA THR A 100 -2.24 -19.32 24.34
C THR A 100 -3.14 -20.52 24.05
N SER A 101 -2.61 -21.75 24.11
CA SER A 101 -3.33 -22.91 23.61
C SER A 101 -3.56 -24.04 24.61
N VAL A 102 -2.75 -24.15 25.67
CA VAL A 102 -2.83 -25.33 26.53
C VAL A 102 -4.18 -25.38 27.24
N ASP A 103 -4.68 -24.23 27.70
CA ASP A 103 -5.98 -24.22 28.37
C ASP A 103 -7.13 -24.49 27.39
N LEU A 104 -6.95 -24.15 26.12
CA LEU A 104 -7.97 -24.51 25.13
C LEU A 104 -7.98 -26.00 24.87
N ILE A 105 -6.80 -26.63 24.83
CA ILE A 105 -6.76 -28.09 24.66
C ILE A 105 -7.34 -28.77 25.89
N LEU A 106 -7.04 -28.27 27.08
CA LEU A 106 -7.67 -28.80 28.28
C LEU A 106 -9.19 -28.67 28.19
N ASN A 107 -9.68 -27.55 27.64
CA ASN A 107 -11.11 -27.41 27.38
C ASN A 107 -11.60 -28.52 26.45
N LEU A 108 -10.88 -28.74 25.35
CA LEU A 108 -11.29 -29.76 24.38
C LEU A 108 -11.42 -31.12 25.03
N LEU A 109 -10.48 -31.50 25.89
CA LEU A 109 -10.55 -32.79 26.56
C LEU A 109 -11.74 -32.85 27.52
N LYS A 110 -12.16 -31.71 28.05
CA LYS A 110 -13.33 -31.62 28.92
C LYS A 110 -14.64 -31.58 28.14
N GLY A 111 -14.60 -31.73 26.82
CA GLY A 111 -15.83 -31.67 26.04
C GLY A 111 -16.38 -30.28 25.83
N GLN A 112 -15.54 -29.26 25.95
CA GLN A 112 -15.95 -27.87 25.77
C GLN A 112 -15.23 -27.28 24.56
N ASN A 113 -15.77 -26.18 24.04
CA ASN A 113 -15.31 -25.59 22.80
C ASN A 113 -14.38 -24.41 23.04
N SER A 114 -13.52 -24.15 22.06
CA SER A 114 -12.52 -23.10 22.17
C SER A 114 -12.35 -22.44 20.80
N LEU A 115 -12.01 -21.15 20.83
CA LEU A 115 -11.82 -20.36 19.62
C LEU A 115 -10.60 -19.48 19.78
N LEU A 116 -9.72 -19.48 18.78
CA LEU A 116 -8.49 -18.69 18.82
C LEU A 116 -8.31 -17.94 17.51
N PHE A 117 -8.17 -16.62 17.60
CA PHE A 117 -7.88 -15.76 16.46
C PHE A 117 -6.44 -15.27 16.52
N THR A 118 -5.83 -15.10 15.34
CA THR A 118 -4.65 -14.27 15.19
C THR A 118 -5.02 -13.07 14.33
N TYR A 119 -4.76 -11.87 14.86
CA TYR A 119 -5.17 -10.61 14.25
C TYR A 119 -3.94 -9.73 14.01
N GLY A 120 -4.02 -8.89 12.99
CA GLY A 120 -2.96 -7.91 12.78
C GLY A 120 -2.79 -7.58 11.31
N VAL A 121 -1.78 -6.74 11.05
CA VAL A 121 -1.41 -6.33 9.70
C VAL A 121 -0.64 -7.45 9.03
N THR A 122 -0.45 -7.37 7.72
CA THR A 122 0.49 -8.25 7.02
C THR A 122 1.92 -7.93 7.46
N GLY A 123 2.75 -8.96 7.55
CA GLY A 123 4.10 -8.78 8.04
C GLY A 123 4.19 -8.53 9.53
N SER A 124 3.17 -8.92 10.29
CA SER A 124 3.08 -8.67 11.71
C SER A 124 3.44 -9.88 12.58
N GLY A 125 3.67 -11.04 11.96
CA GLY A 125 3.93 -12.26 12.68
C GLY A 125 2.70 -13.10 12.91
N LYS A 126 1.59 -12.74 12.25
CA LYS A 126 0.33 -13.45 12.41
C LYS A 126 0.41 -14.89 11.90
N THR A 127 0.93 -15.08 10.68
CA THR A 127 1.12 -16.42 10.15
C THR A 127 2.26 -17.14 10.88
N TYR A 128 3.31 -16.40 11.27
CA TYR A 128 4.39 -17.01 12.06
C TYR A 128 3.86 -17.54 13.38
N THR A 129 3.01 -16.76 14.05
CA THR A 129 2.42 -17.20 15.31
C THR A 129 1.56 -18.45 15.10
N MET A 130 0.76 -18.48 14.03
CA MET A 130 -0.21 -19.55 13.84
C MET A 130 0.45 -20.82 13.32
N THR A 131 1.28 -20.70 12.29
CA THR A 131 1.88 -21.86 11.63
C THR A 131 3.39 -21.85 11.68
N GLY A 132 4.03 -20.78 11.18
CA GLY A 132 5.48 -20.70 11.20
C GLY A 132 6.13 -21.67 10.24
N LYS A 133 7.35 -22.09 10.58
CA LYS A 133 8.19 -23.02 9.84
C LYS A 133 8.39 -24.29 10.67
N PRO A 134 8.32 -25.51 10.05
CA PRO A 134 8.31 -26.75 10.85
C PRO A 134 9.62 -27.05 11.56
N THR A 135 10.18 -26.08 12.27
CA THR A 135 11.43 -26.25 13.00
C THR A 135 11.17 -26.09 14.50
N GLU A 136 12.20 -26.39 15.29
CA GLU A 136 12.06 -26.34 16.74
C GLU A 136 11.74 -24.94 17.23
N THR A 137 12.42 -23.92 16.70
CA THR A 137 12.13 -22.54 17.05
C THR A 137 11.05 -21.90 16.18
N GLY A 138 10.57 -22.58 15.14
CA GLY A 138 9.66 -21.95 14.19
C GLY A 138 8.20 -22.38 14.22
N THR A 139 7.91 -23.58 14.74
CA THR A 139 6.55 -24.12 14.64
C THR A 139 5.57 -23.32 15.47
N GLY A 140 4.43 -22.98 14.87
CA GLY A 140 3.43 -22.14 15.50
C GLY A 140 2.41 -22.93 16.29
N LEU A 141 1.32 -22.25 16.64
CA LEU A 141 0.30 -22.81 17.51
C LEU A 141 -0.33 -24.06 16.91
N LEU A 142 -0.67 -24.01 15.63
CA LEU A 142 -1.50 -25.05 15.05
C LEU A 142 -0.83 -26.41 15.08
N PRO A 143 0.40 -26.60 14.57
CA PRO A 143 0.99 -27.95 14.64
C PRO A 143 1.25 -28.41 16.06
N ARG A 144 1.68 -27.50 16.95
CA ARG A 144 1.87 -27.87 18.34
C ARG A 144 0.55 -28.30 18.98
N THR A 145 -0.53 -27.59 18.67
CA THR A 145 -1.84 -27.99 19.18
C THR A 145 -2.21 -29.38 18.67
N LEU A 146 -2.03 -29.64 17.37
CA LEU A 146 -2.29 -30.98 16.86
C LEU A 146 -1.43 -32.02 17.55
N ASP A 147 -0.15 -31.71 17.76
CA ASP A 147 0.74 -32.63 18.47
C ASP A 147 0.20 -32.95 19.86
N VAL A 148 -0.09 -31.91 20.64
CA VAL A 148 -0.48 -32.10 22.03
C VAL A 148 -1.82 -32.82 22.13
N ILE A 149 -2.77 -32.47 21.25
CA ILE A 149 -4.06 -33.18 21.24
C ILE A 149 -3.84 -34.68 21.06
N PHE A 150 -3.11 -35.06 20.01
CA PHE A 150 -2.89 -36.48 19.75
C PHE A 150 -2.04 -37.13 20.84
N ASN A 151 -1.17 -36.37 21.49
CA ASN A 151 -0.43 -36.89 22.63
C ASN A 151 -1.34 -37.14 23.83
N SER A 152 -2.38 -36.33 24.00
CA SER A 152 -3.14 -36.30 25.24
C SER A 152 -4.43 -37.14 25.21
N ILE A 153 -4.91 -37.55 24.04
CA ILE A 153 -6.13 -38.34 23.99
C ILE A 153 -5.77 -39.82 24.10
N ASN A 154 -6.72 -40.60 24.61
CA ASN A 154 -6.61 -42.05 24.65
C ASN A 154 -7.82 -42.65 23.95
N ASN A 155 -7.77 -43.97 23.75
CA ASN A 155 -8.88 -44.72 23.15
C ASN A 155 -9.23 -44.14 21.78
N ARG A 156 -8.23 -43.72 21.03
CA ARG A 156 -8.44 -43.30 19.66
C ARG A 156 -8.71 -44.52 18.80
N VAL A 157 -9.86 -44.56 18.13
CA VAL A 157 -10.20 -45.75 17.35
C VAL A 157 -9.70 -45.65 15.92
N GLU A 158 -9.77 -46.78 15.21
CA GLU A 158 -9.46 -46.79 13.79
C GLU A 158 -10.49 -45.98 13.03
N LYS A 159 -10.16 -45.71 11.77
CA LYS A 159 -10.99 -44.87 10.92
C LYS A 159 -12.27 -45.61 10.52
N CYS A 160 -13.26 -44.81 10.12
CA CYS A 160 -14.52 -45.27 9.56
C CYS A 160 -15.42 -45.97 10.56
N ILE A 161 -15.08 -45.92 11.85
CA ILE A 161 -16.05 -46.32 12.88
C ILE A 161 -17.04 -45.19 13.12
N PHE A 162 -16.54 -44.05 13.61
CA PHE A 162 -17.28 -42.81 13.49
C PHE A 162 -17.21 -42.33 12.05
N TYR A 163 -18.26 -41.63 11.60
CA TYR A 163 -18.23 -41.04 10.27
C TYR A 163 -19.25 -39.92 10.19
N PRO A 164 -18.96 -38.86 9.44
CA PRO A 164 -19.88 -37.71 9.36
C PRO A 164 -21.19 -38.08 8.67
N SER A 165 -22.28 -37.53 9.18
CA SER A 165 -23.60 -37.77 8.62
C SER A 165 -24.33 -36.44 8.47
N ALA A 166 -25.54 -36.51 7.91
CA ALA A 166 -26.26 -35.32 7.50
C ALA A 166 -26.45 -34.35 8.66
N LEU A 167 -26.53 -33.06 8.32
CA LEU A 167 -26.83 -31.98 9.26
C LEU A 167 -25.87 -32.00 10.45
N ASN A 168 -24.58 -32.05 10.14
CA ASN A 168 -23.51 -31.81 11.12
C ASN A 168 -23.56 -32.81 12.27
N THR A 169 -23.70 -34.09 11.94
CA THR A 169 -23.76 -35.17 12.93
C THR A 169 -22.71 -36.23 12.62
N PHE A 170 -22.59 -37.22 13.51
CA PHE A 170 -21.71 -38.37 13.32
C PHE A 170 -22.47 -39.66 13.63
N GLU A 171 -22.19 -40.71 12.87
CA GLU A 171 -22.78 -42.02 13.09
C GLU A 171 -21.68 -43.03 13.41
N ILE A 172 -22.09 -44.27 13.68
CA ILE A 172 -21.18 -45.32 14.09
C ILE A 172 -21.45 -46.59 13.32
N ARG A 173 -20.44 -47.08 12.59
CA ARG A 173 -20.48 -48.37 11.91
C ARG A 173 -20.12 -49.49 12.89
N ALA A 174 -20.55 -50.70 12.54
CA ALA A 174 -20.03 -51.90 13.19
C ALA A 174 -18.61 -52.16 12.70
N THR A 175 -17.85 -52.94 13.47
CA THR A 175 -16.40 -53.02 13.25
C THR A 175 -16.05 -53.63 11.90
N LEU A 176 -16.71 -54.72 11.50
CA LEU A 176 -16.36 -55.35 10.24
C LEU A 176 -16.70 -54.43 9.06
N ASP A 177 -17.82 -53.71 9.15
CA ASP A 177 -18.18 -52.74 8.11
C ASP A 177 -17.14 -51.64 8.02
N ALA A 178 -16.73 -51.10 9.18
CA ALA A 178 -15.69 -50.08 9.20
C ALA A 178 -14.38 -50.61 8.64
N HIS A 179 -14.09 -51.89 8.89
CA HIS A 179 -12.85 -52.50 8.41
C HIS A 179 -12.76 -52.46 6.89
N LEU A 180 -13.85 -52.83 6.20
CA LEU A 180 -13.84 -52.79 4.74
C LEU A 180 -13.81 -51.34 4.24
N LYS A 181 -14.53 -50.45 4.94
CA LYS A 181 -14.50 -49.03 4.56
C LYS A 181 -13.08 -48.50 4.59
N ARG A 182 -12.31 -48.88 5.61
CA ARG A 182 -10.90 -48.51 5.69
C ARG A 182 -10.13 -48.97 4.45
N HIS A 183 -10.36 -50.21 4.01
CA HIS A 183 -9.65 -50.71 2.84
C HIS A 183 -10.21 -50.12 1.56
N GLN A 184 -11.49 -49.73 1.58
CA GLN A 184 -12.06 -48.93 0.50
C GLN A 184 -11.47 -47.52 0.50
N MET A 185 -11.32 -46.93 1.69
CA MET A 185 -10.76 -45.59 1.80
CA MET A 185 -10.77 -45.59 1.79
C MET A 185 -9.28 -45.57 1.42
N ALA A 186 -8.54 -46.61 1.83
CA ALA A 186 -7.11 -46.65 1.55
C ALA A 186 -6.84 -46.70 0.05
N ALA A 187 -7.80 -47.18 -0.74
CA ALA A 187 -7.67 -47.11 -2.19
C ALA A 187 -7.67 -45.67 -2.67
N ASP A 188 -8.32 -44.78 -1.94
CA ASP A 188 -8.36 -43.37 -2.27
C ASP A 188 -7.30 -42.63 -1.43
N ARG A 189 -7.64 -41.58 -0.68
CA ARG A 189 -6.69 -40.81 0.13
C ARG A 189 -5.45 -40.39 -0.64
N ILE A 196 7.48 -35.57 2.45
CA ILE A 196 8.15 -36.25 3.54
C ILE A 196 8.44 -35.29 4.67
N THR A 197 7.73 -35.42 5.79
CA THR A 197 7.79 -34.43 6.86
C THR A 197 8.83 -34.82 7.90
N ASP A 198 10.04 -34.27 7.78
CA ASP A 198 10.96 -34.18 8.89
C ASP A 198 10.62 -32.86 9.58
N ARG A 199 10.03 -32.93 10.76
CA ARG A 199 9.47 -31.74 11.38
C ARG A 199 9.57 -31.85 12.90
N TYR A 200 9.66 -30.69 13.55
CA TYR A 200 9.61 -30.68 15.00
C TYR A 200 8.24 -31.16 15.48
N CYS A 201 8.23 -31.89 16.58
CA CYS A 201 7.02 -32.45 17.17
C CYS A 201 6.98 -32.12 18.66
N GLU A 202 5.87 -31.55 19.11
CA GLU A 202 5.71 -31.29 20.54
C GLU A 202 5.52 -32.60 21.29
N ALA A 203 6.25 -32.75 22.39
CA ALA A 203 6.17 -33.95 23.21
C ALA A 203 5.22 -33.80 24.39
N ILE A 204 4.76 -32.57 24.67
CA ILE A 204 3.88 -32.31 25.81
C ILE A 204 2.66 -33.24 25.77
N LYS A 205 2.36 -33.86 26.91
CA LYS A 205 1.14 -34.64 27.07
C LYS A 205 0.35 -34.02 28.23
N LEU A 206 -0.86 -33.56 27.92
CA LEU A 206 -1.77 -33.04 28.93
C LEU A 206 -2.67 -34.14 29.45
N SER A 207 -3.12 -34.00 30.68
CA SER A 207 -4.08 -34.93 31.25
C SER A 207 -5.47 -34.30 31.25
N GLY A 208 -6.49 -35.16 31.35
CA GLY A 208 -7.85 -34.68 31.41
C GLY A 208 -8.77 -35.42 30.47
N TYR A 209 -8.23 -36.27 29.62
CA TYR A 209 -9.06 -37.07 28.74
C TYR A 209 -9.88 -38.07 29.54
N ASN A 210 -11.13 -38.27 29.12
CA ASN A 210 -12.08 -39.13 29.82
C ASN A 210 -11.91 -40.54 29.29
N ASP A 211 -11.21 -41.40 30.05
CA ASP A 211 -10.92 -42.75 29.59
C ASP A 211 -12.16 -43.62 29.45
N ASP A 212 -13.32 -43.18 29.95
CA ASP A 212 -14.57 -43.88 29.67
C ASP A 212 -15.13 -43.55 28.29
N MET A 213 -14.44 -42.68 27.55
CA MET A 213 -14.83 -42.31 26.22
C MET A 213 -13.86 -42.85 25.19
N VAL A 214 -14.40 -43.20 24.07
CA VAL A 214 -13.66 -43.52 22.87
C VAL A 214 -13.72 -42.31 21.95
N CYS A 215 -12.70 -42.12 21.12
CA CYS A 215 -12.64 -40.88 20.36
C CYS A 215 -12.04 -41.08 18.97
N SER A 216 -12.24 -40.07 18.14
CA SER A 216 -11.62 -39.94 16.82
C SER A 216 -11.53 -38.45 16.50
N VAL A 217 -10.55 -38.08 15.69
CA VAL A 217 -10.30 -36.67 15.37
C VAL A 217 -10.71 -36.40 13.93
N PHE A 218 -11.52 -35.38 13.74
CA PHE A 218 -11.90 -34.90 12.43
C PHE A 218 -11.48 -33.44 12.31
N VAL A 219 -11.04 -33.04 11.13
CA VAL A 219 -10.71 -31.65 10.88
C VAL A 219 -11.53 -31.14 9.72
N THR A 220 -11.97 -29.89 9.82
CA THR A 220 -12.49 -29.15 8.69
C THR A 220 -11.61 -27.94 8.48
N TYR A 221 -11.35 -27.60 7.22
CA TYR A 221 -10.58 -26.42 6.89
C TYR A 221 -11.39 -25.57 5.94
N VAL A 222 -11.73 -24.36 6.37
CA VAL A 222 -12.70 -23.52 5.69
C VAL A 222 -12.12 -22.12 5.52
N GLU A 223 -12.43 -21.48 4.40
CA GLU A 223 -11.96 -20.14 4.10
C GLU A 223 -13.14 -19.20 3.90
N ILE A 224 -13.09 -18.02 4.51
CA ILE A 224 -14.08 -16.99 4.30
C ILE A 224 -13.40 -15.86 3.52
N TYR A 225 -13.76 -15.72 2.24
CA TYR A 225 -13.13 -14.75 1.35
C TYR A 225 -14.21 -13.99 0.61
N ASN A 226 -14.21 -12.66 0.74
CA ASN A 226 -15.17 -11.77 0.06
C ASN A 226 -16.61 -12.13 0.41
N ASN A 227 -16.87 -12.29 1.71
CA ASN A 227 -18.18 -12.62 2.28
C ASN A 227 -18.75 -13.93 1.72
N TYR A 228 -17.91 -14.76 1.10
CA TYR A 228 -18.29 -16.08 0.65
C TYR A 228 -17.45 -17.11 1.39
N CYS A 229 -18.04 -18.28 1.61
CA CYS A 229 -17.41 -19.32 2.41
C CYS A 229 -17.05 -20.52 1.53
N TYR A 230 -15.81 -20.98 1.64
CA TYR A 230 -15.29 -22.07 0.82
C TYR A 230 -14.67 -23.16 1.69
N ASP A 231 -14.89 -24.40 1.30
CA ASP A 231 -14.28 -25.56 1.94
C ASP A 231 -12.98 -25.89 1.22
N LEU A 232 -11.85 -25.57 1.85
CA LEU A 232 -10.53 -25.84 1.28
C LEU A 232 -10.24 -27.34 1.14
N LEU A 233 -11.03 -28.20 1.78
CA LEU A 233 -10.86 -29.64 1.72
C LEU A 233 -11.85 -30.31 0.78
N GLU A 234 -12.62 -29.53 0.01
CA GLU A 234 -13.59 -30.09 -0.90
C GLU A 234 -12.94 -30.99 -1.95
N ASP A 235 -13.62 -32.07 -2.32
CA ASP A 235 -13.23 -32.89 -3.46
C ASP A 235 -13.61 -32.14 -4.74
N ALA A 236 -12.83 -31.11 -5.06
CA ALA A 236 -13.17 -30.24 -6.18
C ALA A 236 -13.05 -31.02 -7.49
N ARG A 237 -14.15 -31.11 -8.22
CA ARG A 237 -14.19 -31.74 -9.53
C ARG A 237 -14.02 -30.75 -10.67
N ASN A 238 -14.83 -29.69 -10.69
CA ASN A 238 -14.89 -28.74 -11.79
C ASN A 238 -13.65 -27.85 -11.89
N GLY A 239 -12.74 -27.94 -10.94
CA GLY A 239 -11.60 -27.03 -10.89
C GLY A 239 -11.94 -25.70 -10.26
N VAL A 240 -13.06 -25.63 -9.53
CA VAL A 240 -13.54 -24.44 -8.85
C VAL A 240 -14.04 -24.86 -7.47
N LEU A 241 -13.86 -24.00 -6.49
CA LEU A 241 -14.39 -24.30 -5.16
C LEU A 241 -15.83 -23.81 -5.07
N THR A 242 -16.68 -24.64 -4.48
CA THR A 242 -18.10 -24.33 -4.36
C THR A 242 -18.33 -23.39 -3.18
N LYS A 243 -19.17 -22.37 -3.39
CA LYS A 243 -19.57 -21.53 -2.28
C LYS A 243 -20.37 -22.36 -1.29
N ARG A 244 -20.19 -22.07 -0.01
CA ARG A 244 -20.79 -22.88 1.04
C ARG A 244 -21.61 -21.99 1.97
N GLU A 245 -22.68 -22.56 2.52
CA GLU A 245 -23.63 -21.82 3.32
C GLU A 245 -23.31 -22.03 4.81
N ILE A 246 -23.29 -20.94 5.56
CA ILE A 246 -23.10 -20.99 7.00
C ILE A 246 -24.46 -21.06 7.67
N ARG A 247 -24.71 -22.15 8.40
CA ARG A 247 -26.04 -22.40 8.98
C ARG A 247 -25.86 -23.13 10.31
N HIS A 248 -26.98 -23.29 11.02
CA HIS A 248 -26.98 -24.00 12.29
C HIS A 248 -27.59 -25.39 12.16
N ASP A 249 -27.32 -26.24 13.15
CA ASP A 249 -27.91 -27.56 13.24
C ASP A 249 -29.02 -27.56 14.30
N ARG A 250 -29.55 -28.74 14.61
CA ARG A 250 -30.64 -28.83 15.58
C ARG A 250 -30.21 -28.44 16.98
N GLN A 251 -28.93 -28.56 17.29
CA GLN A 251 -28.36 -28.10 18.56
C GLN A 251 -28.09 -26.61 18.56
N GLN A 252 -28.51 -25.90 17.51
CA GLN A 252 -28.26 -24.48 17.29
C GLN A 252 -26.78 -24.15 17.10
N GLN A 253 -25.95 -25.16 16.81
CA GLN A 253 -24.53 -24.96 16.59
C GLN A 253 -24.25 -24.58 15.14
N MET A 254 -23.36 -23.61 14.96
CA MET A 254 -23.02 -23.17 13.61
C MET A 254 -22.12 -24.21 12.91
N TYR A 255 -22.29 -24.31 11.60
CA TYR A 255 -21.42 -25.17 10.79
C TYR A 255 -21.51 -24.75 9.34
N VAL A 256 -20.61 -25.29 8.53
CA VAL A 256 -20.57 -25.04 7.10
C VAL A 256 -21.24 -26.23 6.42
N ASP A 257 -22.34 -25.97 5.72
CA ASP A 257 -23.25 -27.01 5.24
C ASP A 257 -22.53 -28.13 4.49
N GLY A 258 -21.92 -27.81 3.35
CA GLY A 258 -21.26 -28.85 2.58
C GLY A 258 -19.79 -29.06 2.85
N ALA A 259 -19.24 -28.51 3.93
CA ALA A 259 -17.83 -28.71 4.24
C ALA A 259 -17.55 -30.13 4.66
N LYS A 260 -16.37 -30.62 4.27
CA LYS A 260 -15.96 -32.00 4.46
C LYS A 260 -15.29 -32.16 5.82
N ASP A 261 -15.78 -33.10 6.62
CA ASP A 261 -15.14 -33.48 7.88
C ASP A 261 -14.18 -34.62 7.58
N VAL A 262 -12.89 -34.37 7.71
CA VAL A 262 -11.84 -35.30 7.30
C VAL A 262 -11.27 -35.98 8.54
N GLU A 263 -11.36 -37.30 8.58
CA GLU A 263 -10.85 -38.06 9.71
C GLU A 263 -9.34 -38.17 9.63
N VAL A 264 -8.67 -37.87 10.73
CA VAL A 264 -7.22 -37.91 10.81
C VAL A 264 -6.83 -38.76 12.03
N SER A 265 -5.85 -39.63 11.84
CA SER A 265 -5.42 -40.55 12.88
C SER A 265 -4.19 -40.08 13.63
N SER A 266 -3.51 -39.02 13.15
CA SER A 266 -2.30 -38.58 13.79
C SER A 266 -2.08 -37.09 13.51
N SER A 267 -1.25 -36.47 14.37
CA SER A 267 -0.83 -35.09 14.15
C SER A 267 -0.23 -34.94 12.76
N GLU A 268 0.55 -35.94 12.35
CA GLU A 268 1.13 -35.95 11.01
C GLU A 268 0.07 -35.95 9.92
N GLU A 269 -0.93 -36.84 10.04
CA GLU A 269 -1.97 -36.90 9.02
C GLU A 269 -2.79 -35.61 8.99
N ALA A 270 -3.04 -35.02 10.16
CA ALA A 270 -3.80 -33.78 10.23
C ALA A 270 -3.06 -32.65 9.52
N LEU A 271 -1.74 -32.61 9.69
CA LEU A 271 -0.94 -31.59 9.00
C LEU A 271 -0.92 -31.80 7.50
N GLU A 272 -0.95 -33.06 7.04
CA GLU A 272 -1.05 -33.31 5.61
C GLU A 272 -2.35 -32.76 5.06
N VAL A 273 -3.44 -32.89 5.81
CA VAL A 273 -4.71 -32.32 5.38
C VAL A 273 -4.64 -30.81 5.40
N PHE A 274 -4.05 -30.23 6.45
CA PHE A 274 -3.91 -28.77 6.51
C PHE A 274 -3.15 -28.24 5.31
N CYS A 275 -2.06 -28.90 4.93
CA CYS A 275 -1.28 -28.45 3.78
C CYS A 275 -2.08 -28.56 2.49
N LEU A 276 -2.91 -29.60 2.36
CA LEU A 276 -3.79 -29.70 1.21
C LEU A 276 -4.74 -28.50 1.13
N GLY A 277 -5.28 -28.08 2.27
CA GLY A 277 -6.13 -26.89 2.29
C GLY A 277 -5.36 -25.65 1.89
N GLU A 278 -4.10 -25.55 2.35
CA GLU A 278 -3.27 -24.41 1.97
C GLU A 278 -3.07 -24.34 0.46
N GLU A 279 -2.93 -25.49 -0.20
CA GLU A 279 -2.85 -25.51 -1.66
C GLU A 279 -4.11 -24.90 -2.28
N ARG A 280 -5.29 -25.24 -1.76
CA ARG A 280 -6.51 -24.61 -2.26
C ARG A 280 -6.58 -23.14 -1.85
N ARG A 281 -6.12 -22.81 -0.65
CA ARG A 281 -6.22 -21.43 -0.19
C ARG A 281 -5.45 -20.47 -1.08
N ARG A 282 -4.47 -20.97 -1.82
CA ARG A 282 -3.61 -20.16 -2.67
C ARG A 282 -4.21 -19.89 -4.05
N VAL A 283 -5.43 -20.37 -4.32
CA VAL A 283 -6.10 -20.15 -5.60
C VAL A 283 -6.79 -18.79 -5.54
N SER A 284 -6.18 -17.80 -6.20
CA SER A 284 -6.73 -16.44 -6.27
C SER A 284 -7.84 -16.37 -7.30
N SER A 285 -8.56 -15.24 -7.27
CA SER A 285 -9.56 -14.98 -8.31
C SER A 285 -8.91 -14.96 -9.68
N THR A 286 -7.75 -14.32 -9.78
CA THR A 286 -6.97 -14.26 -11.00
C THR A 286 -6.06 -15.46 -11.19
N LEU A 287 -6.27 -16.52 -10.40
CA LEU A 287 -5.50 -17.76 -10.43
C LEU A 287 -4.02 -17.55 -10.11
N LEU A 288 -3.66 -16.37 -9.58
CA LEU A 288 -2.33 -16.16 -9.05
C LEU A 288 -2.24 -16.78 -7.66
N ASN A 289 -1.34 -16.26 -6.83
CA ASN A 289 -1.23 -16.67 -5.43
C ASN A 289 -2.01 -15.69 -4.57
N LYS A 290 -2.98 -16.20 -3.84
CA LYS A 290 -3.79 -15.38 -2.94
C LYS A 290 -3.15 -15.38 -1.55
N ASP A 291 -2.99 -14.20 -0.98
CA ASP A 291 -2.32 -14.07 0.31
C ASP A 291 -3.26 -14.45 1.45
N SER A 292 -2.65 -14.93 2.55
CA SER A 292 -3.43 -15.24 3.74
C SER A 292 -4.02 -13.99 4.35
N SER A 293 -3.49 -12.82 4.01
CA SER A 293 -4.05 -11.56 4.42
C SER A 293 -5.32 -11.20 3.64
N ARG A 294 -5.59 -11.87 2.54
CA ARG A 294 -6.77 -11.55 1.74
C ARG A 294 -8.01 -12.31 2.18
N SER A 295 -7.89 -13.28 3.08
CA SER A 295 -9.04 -14.08 3.48
C SER A 295 -8.88 -14.54 4.93
N HIS A 296 -9.97 -15.02 5.50
CA HIS A 296 -9.96 -15.64 6.81
C HIS A 296 -9.90 -17.15 6.64
N SER A 297 -8.98 -17.79 7.35
CA SER A 297 -8.83 -19.24 7.29
C SER A 297 -9.26 -19.85 8.61
N VAL A 298 -10.13 -20.85 8.54
CA VAL A 298 -10.75 -21.44 9.73
C VAL A 298 -10.40 -22.92 9.75
N PHE A 299 -9.55 -23.32 10.68
CA PHE A 299 -9.16 -24.71 10.85
C PHE A 299 -9.77 -25.20 12.15
N THR A 300 -10.70 -26.15 12.06
CA THR A 300 -11.43 -26.63 13.23
C THR A 300 -11.03 -28.07 13.53
N ILE A 301 -10.53 -28.28 14.75
CA ILE A 301 -10.19 -29.61 15.24
C ILE A 301 -11.36 -30.11 16.07
N LYS A 302 -11.96 -31.22 15.64
CA LYS A 302 -13.11 -31.80 16.32
C LYS A 302 -12.70 -33.10 17.01
N LEU A 303 -13.01 -33.19 18.29
CA LEU A 303 -12.81 -34.41 19.06
C LEU A 303 -14.17 -35.10 19.19
N VAL A 304 -14.40 -36.11 18.35
CA VAL A 304 -15.65 -36.85 18.34
C VAL A 304 -15.53 -37.99 19.34
N MET A 305 -16.34 -37.95 20.39
CA MET A 305 -16.27 -38.91 21.49
C MET A 305 -17.57 -39.69 21.63
N ALA A 306 -17.47 -40.91 22.15
CA ALA A 306 -18.63 -41.73 22.46
C ALA A 306 -18.26 -42.67 23.59
N PRO A 307 -19.22 -43.05 24.43
CA PRO A 307 -18.93 -43.95 25.56
C PRO A 307 -18.29 -45.26 25.10
N ARG A 308 -17.22 -45.65 25.78
CA ARG A 308 -16.53 -46.89 25.44
C ARG A 308 -17.41 -48.09 25.77
N ALA A 309 -17.41 -49.07 24.88
CA ALA A 309 -18.21 -50.27 25.06
C ALA A 309 -17.49 -51.25 25.98
N TYR A 310 -18.25 -51.84 26.90
CA TYR A 310 -17.72 -52.88 27.77
C TYR A 310 -17.82 -54.23 27.06
N GLU A 311 -17.22 -55.25 27.69
CA GLU A 311 -17.37 -56.65 27.29
C GLU A 311 -16.82 -56.91 25.88
N THR A 312 -15.78 -56.18 25.48
CA THR A 312 -15.06 -56.43 24.24
C THR A 312 -13.57 -56.20 24.47
N LYS A 313 -12.74 -57.09 23.91
CA LYS A 313 -11.29 -56.92 24.01
C LYS A 313 -10.78 -55.75 23.19
N SER A 314 -11.62 -55.12 22.39
CA SER A 314 -11.19 -54.04 21.54
C SER A 314 -11.56 -52.69 22.15
N VAL A 315 -11.11 -51.63 21.50
CA VAL A 315 -11.46 -50.27 21.86
C VAL A 315 -12.53 -49.82 20.88
N TYR A 316 -13.78 -49.76 21.34
CA TYR A 316 -14.89 -49.50 20.44
C TYR A 316 -15.96 -48.73 21.18
N PRO A 317 -16.69 -47.85 20.49
CA PRO A 317 -17.79 -47.14 21.13
C PRO A 317 -19.04 -48.01 21.24
N THR A 318 -19.92 -47.60 22.14
CA THR A 318 -21.28 -48.15 22.13
C THR A 318 -21.96 -47.72 20.84
N MET A 319 -22.85 -48.58 20.33
CA MET A 319 -23.39 -48.34 19.01
C MET A 319 -24.36 -47.17 18.96
N ASP A 320 -24.86 -46.71 20.10
CA ASP A 320 -25.86 -45.65 20.15
C ASP A 320 -25.21 -44.32 19.80
N SER A 321 -25.42 -43.86 18.56
CA SER A 321 -24.84 -42.61 18.07
C SER A 321 -25.36 -41.38 18.82
N SER A 322 -26.55 -41.45 19.42
CA SER A 322 -27.04 -40.33 20.20
C SER A 322 -26.18 -40.05 21.41
N GLN A 323 -25.34 -41.00 21.80
CA GLN A 323 -24.42 -40.81 22.91
C GLN A 323 -23.18 -40.01 22.52
N ILE A 324 -23.01 -39.69 21.23
CA ILE A 324 -21.81 -39.01 20.76
C ILE A 324 -21.74 -37.60 21.32
N ILE A 325 -20.55 -37.23 21.82
CA ILE A 325 -20.25 -35.86 22.24
C ILE A 325 -19.12 -35.35 21.37
N VAL A 326 -19.26 -34.13 20.85
CA VAL A 326 -18.28 -33.50 19.97
C VAL A 326 -17.85 -32.18 20.59
N SER A 327 -16.54 -32.00 20.75
CA SER A 327 -15.99 -30.72 21.18
C SER A 327 -15.06 -30.18 20.09
N GLN A 328 -14.88 -28.87 20.09
CA GLN A 328 -14.16 -28.18 19.02
C GLN A 328 -13.05 -27.30 19.57
N LEU A 329 -11.92 -27.31 18.87
CA LEU A 329 -10.90 -26.28 19.02
C LEU A 329 -10.74 -25.64 17.64
N CYS A 330 -11.05 -24.36 17.54
CA CYS A 330 -11.13 -23.66 16.28
C CYS A 330 -10.05 -22.58 16.23
N LEU A 331 -9.17 -22.67 15.23
CA LEU A 331 -8.05 -21.76 15.06
C LEU A 331 -8.28 -20.95 13.79
N VAL A 332 -8.35 -19.62 13.93
CA VAL A 332 -8.74 -18.73 12.84
C VAL A 332 -7.59 -17.76 12.57
N ASP A 333 -7.13 -17.73 11.34
CA ASP A 333 -6.08 -16.83 10.90
C ASP A 333 -6.76 -15.72 10.09
N LEU A 334 -7.04 -14.60 10.75
CA LEU A 334 -7.85 -13.54 10.17
C LEU A 334 -7.11 -12.88 8.99
N ALA A 335 -7.91 -12.25 8.14
CA ALA A 335 -7.35 -11.44 7.08
C ALA A 335 -6.62 -10.24 7.68
N GLY A 336 -5.65 -9.72 6.93
CA GLY A 336 -4.91 -8.55 7.37
C GLY A 336 -5.80 -7.36 7.59
N SER A 337 -5.62 -6.68 8.73
CA SER A 337 -6.45 -5.53 9.07
C SER A 337 -6.25 -4.35 8.13
N GLU A 338 -5.11 -4.28 7.41
CA GLU A 338 -4.87 -3.17 6.50
C GLU A 338 -5.67 -3.27 5.20
N ARG A 339 -6.17 -4.47 4.87
CA ARG A 339 -6.94 -4.69 3.65
C ARG A 339 -8.42 -4.43 3.87
N ARG A 349 -9.89 -5.02 -6.55
CA ARG A 349 -9.93 -5.67 -5.24
C ARG A 349 -10.64 -4.79 -4.22
N LEU A 350 -11.58 -3.97 -4.68
CA LEU A 350 -12.24 -3.01 -3.81
C LEU A 350 -13.27 -3.68 -2.90
N ALA A 351 -14.14 -4.52 -3.46
CA ALA A 351 -15.09 -5.24 -2.64
C ALA A 351 -14.39 -6.18 -1.66
N GLU A 352 -13.22 -6.68 -2.04
CA GLU A 352 -12.46 -7.57 -1.17
C GLU A 352 -12.02 -6.83 0.09
N ALA A 353 -11.47 -5.63 -0.05
CA ALA A 353 -11.06 -4.85 1.11
C ALA A 353 -12.24 -4.38 1.94
N ASN A 354 -13.38 -4.06 1.31
CA ASN A 354 -14.54 -3.64 2.08
C ASN A 354 -15.14 -4.80 2.87
N SER A 355 -15.15 -6.00 2.30
CA SER A 355 -15.61 -7.15 3.07
C SER A 355 -14.71 -7.41 4.27
N ILE A 356 -13.39 -7.31 4.08
CA ILE A 356 -12.46 -7.56 5.17
C ILE A 356 -12.65 -6.55 6.30
N ASN A 357 -12.74 -5.26 5.96
CA ASN A 357 -12.94 -4.26 7.01
C ASN A 357 -14.33 -4.32 7.61
N GLN A 358 -15.34 -4.68 6.83
CA GLN A 358 -16.67 -4.86 7.41
C GLN A 358 -16.66 -6.00 8.41
N SER A 359 -16.02 -7.11 8.05
CA SER A 359 -16.03 -8.29 8.92
C SER A 359 -15.23 -8.05 10.19
N LEU A 360 -14.04 -7.44 10.07
CA LEU A 360 -13.23 -7.16 11.26
C LEU A 360 -13.88 -6.12 12.16
N MET A 361 -14.59 -5.15 11.57
CA MET A 361 -15.32 -4.17 12.38
C MET A 361 -16.48 -4.83 13.12
N THR A 362 -17.18 -5.76 12.46
CA THR A 362 -18.24 -6.51 13.13
C THR A 362 -17.69 -7.37 14.26
N LEU A 363 -16.51 -7.96 14.05
CA LEU A 363 -15.87 -8.75 15.10
C LEU A 363 -15.58 -7.90 16.32
N ARG A 364 -15.02 -6.70 16.11
CA ARG A 364 -14.75 -5.79 17.21
C ARG A 364 -16.01 -5.49 18.00
N GLN A 365 -17.07 -5.06 17.30
CA GLN A 365 -18.34 -4.76 17.96
C GLN A 365 -18.85 -5.97 18.74
N CYS A 366 -18.69 -7.17 18.17
CA CYS A 366 -19.26 -8.35 18.80
C CYS A 366 -18.54 -8.73 20.09
N ILE A 367 -17.20 -8.66 20.12
CA ILE A 367 -16.52 -8.99 21.36
C ILE A 367 -16.74 -7.91 22.41
N GLU A 368 -17.03 -6.68 21.99
CA GLU A 368 -17.37 -5.64 22.96
C GLU A 368 -18.74 -5.89 23.57
N VAL A 369 -19.71 -6.32 22.74
CA VAL A 369 -20.99 -6.75 23.29
C VAL A 369 -20.80 -7.98 24.17
N LEU A 370 -19.90 -8.87 23.77
CA LEU A 370 -19.64 -10.08 24.57
C LEU A 370 -19.09 -9.72 25.94
N ARG A 371 -18.16 -8.77 26.00
CA ARG A 371 -17.59 -8.36 27.27
C ARG A 371 -18.65 -7.77 28.19
N ARG A 372 -19.52 -6.91 27.65
CA ARG A 372 -20.55 -6.30 28.50
C ARG A 372 -21.52 -7.34 29.00
N ASN A 373 -21.87 -8.32 28.16
CA ASN A 373 -22.77 -9.37 28.61
C ASN A 373 -22.16 -10.22 29.72
N GLN A 374 -20.84 -10.41 29.70
CA GLN A 374 -20.21 -11.24 30.73
C GLN A 374 -20.24 -10.58 32.10
N LYS A 375 -20.49 -9.26 32.17
CA LYS A 375 -20.60 -8.56 33.44
C LYS A 375 -22.05 -8.31 33.84
N SER A 376 -23.00 -8.55 32.94
CA SER A 376 -24.39 -8.20 33.15
C SER A 376 -25.16 -9.36 33.77
N SER A 377 -26.45 -9.15 34.02
CA SER A 377 -27.30 -10.15 34.65
C SER A 377 -27.79 -11.16 33.61
N SER A 378 -28.62 -12.10 34.06
CA SER A 378 -29.23 -13.07 33.16
C SER A 378 -30.17 -12.38 32.17
N GLN A 379 -30.99 -11.46 32.68
CA GLN A 379 -31.79 -10.60 31.83
C GLN A 379 -31.01 -9.32 31.51
N ASN A 380 -31.61 -8.44 30.72
CA ASN A 380 -31.03 -7.15 30.39
C ASN A 380 -29.68 -7.26 29.69
N LEU A 381 -29.45 -8.34 28.94
CA LEU A 381 -28.22 -8.47 28.18
C LEU A 381 -28.52 -8.18 26.71
N GLU A 382 -27.55 -7.57 26.03
CA GLU A 382 -27.78 -7.02 24.70
C GLU A 382 -27.40 -7.98 23.58
N GLN A 383 -28.08 -7.80 22.45
CA GLN A 383 -27.91 -8.67 21.30
C GLN A 383 -26.51 -8.51 20.70
N VAL A 384 -25.94 -9.64 20.28
CA VAL A 384 -24.66 -9.64 19.58
C VAL A 384 -24.94 -9.49 18.08
N PRO A 385 -24.39 -8.47 17.42
CA PRO A 385 -24.69 -8.23 15.99
C PRO A 385 -23.94 -9.18 15.06
N TYR A 386 -24.10 -10.50 15.31
CA TYR A 386 -23.29 -11.47 14.61
C TYR A 386 -23.70 -11.66 13.15
N ARG A 387 -24.88 -11.21 12.75
CA ARG A 387 -25.31 -11.42 11.36
C ARG A 387 -24.72 -10.42 10.39
N GLN A 388 -24.02 -9.38 10.89
CA GLN A 388 -23.51 -8.34 10.02
C GLN A 388 -22.33 -8.79 9.15
N SER A 389 -21.81 -10.00 9.37
CA SER A 389 -20.79 -10.54 8.47
C SER A 389 -20.79 -12.06 8.54
N LYS A 390 -20.34 -12.68 7.44
CA LYS A 390 -20.29 -14.14 7.38
C LYS A 390 -19.38 -14.70 8.47
N LEU A 391 -18.23 -14.07 8.68
CA LEU A 391 -17.25 -14.57 9.63
C LEU A 391 -17.83 -14.57 11.04
N THR A 392 -18.46 -13.48 11.44
CA THR A 392 -19.01 -13.39 12.77
C THR A 392 -20.23 -14.30 12.96
N HIS A 393 -20.98 -14.55 11.88
CA HIS A 393 -22.10 -15.49 11.97
C HIS A 393 -21.62 -16.90 12.29
N LEU A 394 -20.50 -17.30 11.68
CA LEU A 394 -19.97 -18.64 11.89
C LEU A 394 -19.58 -18.89 13.34
N PHE A 395 -19.23 -17.84 14.09
CA PHE A 395 -18.85 -17.98 15.50
C PHE A 395 -19.91 -17.39 16.42
N LYS A 396 -21.17 -17.48 16.02
CA LYS A 396 -22.27 -16.98 16.84
C LYS A 396 -22.26 -17.57 18.24
N ASN A 397 -22.09 -18.90 18.34
CA ASN A 397 -22.12 -19.57 19.64
C ASN A 397 -21.08 -19.00 20.59
N TYR A 398 -19.83 -18.87 20.10
CA TYR A 398 -18.77 -18.31 20.93
C TYR A 398 -19.08 -16.86 21.33
N LEU A 399 -19.50 -16.04 20.37
CA LEU A 399 -19.75 -14.64 20.66
C LEU A 399 -20.98 -14.42 21.54
N GLU A 400 -21.88 -15.39 21.61
CA GLU A 400 -22.96 -15.37 22.58
C GLU A 400 -22.57 -16.04 23.89
N GLY A 401 -21.27 -16.25 24.09
CA GLY A 401 -20.73 -16.66 25.36
C GLY A 401 -20.61 -18.15 25.58
N ASN A 402 -20.67 -18.96 24.53
CA ASN A 402 -20.55 -20.41 24.67
C ASN A 402 -19.15 -20.83 24.25
N GLY A 403 -18.40 -21.37 25.19
CA GLY A 403 -17.02 -21.76 24.96
C GLY A 403 -16.04 -20.69 25.40
N LYS A 404 -14.80 -20.88 24.99
CA LYS A 404 -13.70 -19.99 25.36
C LYS A 404 -13.10 -19.33 24.14
N ILE A 405 -12.96 -18.01 24.17
CA ILE A 405 -12.39 -17.24 23.08
C ILE A 405 -11.10 -16.60 23.55
N ARG A 406 -10.03 -16.79 22.77
CA ARG A 406 -8.79 -16.06 22.99
C ARG A 406 -8.36 -15.41 21.68
N MET A 407 -8.06 -14.12 21.73
CA MET A 407 -7.60 -13.39 20.55
C MET A 407 -6.13 -13.01 20.75
N VAL A 408 -5.33 -13.28 19.74
CA VAL A 408 -3.90 -12.96 19.74
C VAL A 408 -3.71 -11.81 18.76
N ILE A 409 -3.47 -10.61 19.28
CA ILE A 409 -3.21 -9.43 18.46
C ILE A 409 -1.72 -9.40 18.15
N CYS A 410 -1.37 -9.63 16.90
CA CYS A 410 0.01 -9.51 16.44
C CYS A 410 0.23 -8.09 15.92
N VAL A 411 1.29 -7.44 16.40
CA VAL A 411 1.56 -6.06 16.00
C VAL A 411 3.05 -5.91 15.68
N ASN A 412 3.37 -5.09 14.69
CA ASN A 412 4.74 -4.80 14.34
C ASN A 412 5.18 -3.48 14.96
N PRO A 413 6.25 -3.47 15.76
CA PRO A 413 6.69 -2.21 16.38
C PRO A 413 7.28 -1.21 15.40
N LYS A 414 7.45 -1.58 14.14
CA LYS A 414 8.02 -0.65 13.16
C LYS A 414 7.16 0.61 13.07
N PRO A 415 7.76 1.79 12.98
CA PRO A 415 6.95 3.02 12.93
C PRO A 415 6.07 3.12 11.70
N ASP A 416 6.34 2.32 10.67
CA ASP A 416 5.50 2.31 9.48
C ASP A 416 4.10 1.83 9.81
N ASP A 417 3.98 0.83 10.69
CA ASP A 417 2.70 0.24 11.05
C ASP A 417 2.02 0.95 12.22
N TYR A 418 2.33 2.23 12.45
CA TYR A 418 1.81 2.92 13.63
C TYR A 418 0.29 3.00 13.61
N ASP A 419 -0.27 3.61 12.56
CA ASP A 419 -1.72 3.81 12.52
C ASP A 419 -2.48 2.50 12.49
N GLU A 420 -1.91 1.47 11.84
CA GLU A 420 -2.58 0.18 11.80
C GLU A 420 -2.52 -0.54 13.14
N ASN A 421 -1.49 -0.26 13.94
CA ASN A 421 -1.45 -0.82 15.30
C ASN A 421 -2.48 -0.15 16.19
N MET A 422 -2.84 1.09 15.90
CA MET A 422 -3.87 1.78 16.67
C MET A 422 -5.20 1.08 16.57
N SER A 423 -5.52 0.53 15.40
CA SER A 423 -6.74 -0.24 15.24
C SER A 423 -6.61 -1.63 15.83
N ALA A 424 -5.42 -2.24 15.71
CA ALA A 424 -5.22 -3.59 16.22
C ALA A 424 -5.23 -3.60 17.74
N LEU A 425 -4.70 -2.55 18.37
CA LEU A 425 -4.69 -2.45 19.82
C LEU A 425 -6.03 -1.99 20.38
N ALA A 426 -6.96 -1.55 19.53
CA ALA A 426 -8.30 -1.21 19.99
C ALA A 426 -9.06 -2.42 20.52
N PHE A 427 -8.63 -3.64 20.17
CA PHE A 427 -9.20 -4.86 20.73
C PHE A 427 -8.85 -5.04 22.20
N ALA A 428 -8.11 -4.11 22.80
CA ALA A 428 -7.61 -4.28 24.15
C ALA A 428 -8.75 -4.33 25.16
N GLU A 429 -8.54 -5.12 26.21
CA GLU A 429 -9.55 -5.27 27.25
C GLU A 429 -9.93 -3.92 27.86
N GLU A 430 -8.96 -3.02 28.02
CA GLU A 430 -9.22 -1.65 28.44
C GLU A 430 -8.08 -0.76 27.96
N SER A 431 -8.35 0.55 27.92
CA SER A 431 -7.41 1.50 27.32
C SER A 431 -7.25 2.75 28.18
N GLN A 432 -6.04 3.31 28.17
CA GLN A 432 -5.68 4.49 28.95
C GLN A 432 -4.91 5.48 28.08
N THR A 433 -5.14 6.77 28.29
CA THR A 433 -4.65 7.83 27.39
C THR A 433 -3.64 8.74 28.07
N ILE A 434 -2.60 9.12 27.34
CA ILE A 434 -1.54 10.00 27.85
C ILE A 434 -1.97 11.47 27.77
N ASP B 34 3.55 38.62 -8.38
CA ASP B 34 3.36 37.24 -8.81
C ASP B 34 3.92 36.24 -7.79
N SER B 35 3.14 36.00 -6.74
CA SER B 35 3.50 35.03 -5.72
C SER B 35 3.25 33.61 -6.23
N ILE B 36 3.58 32.62 -5.40
CA ILE B 36 3.35 31.23 -5.77
C ILE B 36 1.86 30.93 -5.77
N GLU B 37 1.42 30.19 -6.79
CA GLU B 37 0.05 29.72 -6.89
C GLU B 37 0.02 28.20 -6.92
N VAL B 38 -0.96 27.62 -6.24
CA VAL B 38 -1.19 26.18 -6.24
C VAL B 38 -2.57 25.92 -6.81
N VAL B 39 -2.63 25.07 -7.83
CA VAL B 39 -3.88 24.71 -8.46
C VAL B 39 -4.04 23.19 -8.39
N CYS B 40 -5.29 22.73 -8.55
CA CYS B 40 -5.63 21.33 -8.38
C CYS B 40 -6.43 20.83 -9.57
N ARG B 41 -6.15 19.60 -10.00
CA ARG B 41 -6.81 19.00 -11.16
C ARG B 41 -7.25 17.58 -10.82
N LEU B 42 -8.55 17.33 -10.87
CA LEU B 42 -9.09 15.99 -10.70
C LEU B 42 -9.13 15.27 -12.04
N CYS B 43 -8.70 14.02 -12.06
CA CYS B 43 -8.73 13.20 -13.25
C CYS B 43 -10.11 12.56 -13.41
N PRO B 44 -10.42 12.04 -14.60
CA PRO B 44 -11.71 11.39 -14.81
C PRO B 44 -11.93 10.23 -13.85
N TYR B 45 -13.13 10.14 -13.30
CA TYR B 45 -13.48 9.08 -12.36
C TYR B 45 -14.91 8.65 -12.63
N THR B 46 -15.07 7.45 -13.18
CA THR B 46 -16.39 6.90 -13.51
C THR B 46 -16.85 5.92 -12.43
N GLY B 47 -16.98 6.44 -11.20
CA GLY B 47 -17.38 5.63 -10.08
C GLY B 47 -18.52 6.29 -9.31
N SER B 48 -19.08 5.51 -8.38
CA SER B 48 -20.14 6.00 -7.52
C SER B 48 -19.65 6.49 -6.18
N THR B 49 -18.43 6.10 -5.78
CA THR B 49 -17.86 6.45 -4.48
C THR B 49 -16.71 7.42 -4.67
N PRO B 50 -16.94 8.72 -4.58
CA PRO B 50 -15.82 9.68 -4.70
C PRO B 50 -15.19 9.96 -3.35
N SER B 51 -13.87 10.12 -3.35
CA SER B 51 -13.14 10.46 -2.14
C SER B 51 -13.03 11.96 -1.89
N LEU B 52 -13.28 12.79 -2.90
CA LEU B 52 -13.32 14.24 -2.73
C LEU B 52 -14.12 14.85 -3.87
N ILE B 53 -14.65 16.05 -3.62
CA ILE B 53 -15.58 16.68 -4.54
C ILE B 53 -15.20 18.15 -4.69
N ALA B 54 -15.27 18.66 -5.91
CA ALA B 54 -15.02 20.07 -6.18
C ALA B 54 -16.25 20.91 -5.85
N ILE B 55 -16.01 22.13 -5.35
CA ILE B 55 -17.10 23.02 -4.95
C ILE B 55 -17.07 24.31 -5.76
N ASP B 56 -16.25 25.26 -5.33
CA ASP B 56 -16.26 26.63 -5.83
C ASP B 56 -15.59 26.82 -7.17
N GLU B 57 -15.11 25.73 -7.80
CA GLU B 57 -14.15 25.80 -8.91
C GLU B 57 -12.85 26.41 -8.41
N GLY B 58 -12.77 26.69 -7.11
CA GLY B 58 -11.55 27.12 -6.47
C GLY B 58 -11.41 26.52 -5.09
N SER B 59 -12.28 25.55 -4.79
CA SER B 59 -12.29 24.88 -3.49
C SER B 59 -12.64 23.40 -3.69
N ILE B 60 -12.21 22.57 -2.74
CA ILE B 60 -12.41 21.13 -2.81
C ILE B 60 -12.72 20.60 -1.41
N GLN B 61 -13.74 19.75 -1.32
CA GLN B 61 -14.16 19.16 -0.04
C GLN B 61 -13.82 17.67 0.01
N THR B 62 -13.38 17.22 1.19
CA THR B 62 -13.08 15.82 1.43
C THR B 62 -14.37 15.03 1.66
N VAL B 63 -14.35 13.76 1.24
CA VAL B 63 -15.51 12.88 1.37
C VAL B 63 -15.01 11.52 1.85
N LEU B 64 -15.33 11.16 3.09
CA LEU B 64 -15.00 9.84 3.63
C LEU B 64 -15.71 8.72 2.86
N LYS B 79 -12.86 17.77 5.27
CA LYS B 79 -12.03 18.96 5.11
C LYS B 79 -12.30 19.65 3.78
N VAL B 80 -12.11 20.96 3.74
CA VAL B 80 -12.31 21.76 2.53
C VAL B 80 -11.04 22.55 2.26
N PHE B 81 -10.53 22.46 1.04
CA PHE B 81 -9.27 23.06 0.64
C PHE B 81 -9.51 24.13 -0.41
N ARG B 82 -8.76 25.23 -0.32
CA ARG B 82 -8.87 26.34 -1.26
C ARG B 82 -7.62 26.43 -2.13
N PHE B 83 -7.82 26.47 -3.45
CA PHE B 83 -6.75 26.63 -4.42
C PHE B 83 -7.03 27.85 -5.30
N GLY B 84 -6.01 28.27 -6.04
CA GLY B 84 -6.18 29.35 -6.99
C GLY B 84 -7.13 29.01 -8.11
N ARG B 85 -7.30 27.74 -8.41
CA ARG B 85 -8.20 27.24 -9.46
C ARG B 85 -8.32 25.74 -9.32
N VAL B 86 -9.53 25.22 -9.52
CA VAL B 86 -9.78 23.78 -9.48
C VAL B 86 -10.26 23.36 -10.87
N PHE B 87 -9.54 22.43 -11.47
CA PHE B 87 -9.95 21.85 -12.73
C PHE B 87 -10.73 20.57 -12.46
N SER B 88 -11.82 20.38 -13.19
CA SER B 88 -12.62 19.18 -13.07
C SER B 88 -12.28 18.21 -14.19
N GLU B 89 -12.98 17.08 -14.21
CA GLU B 89 -12.82 16.15 -15.32
C GLU B 89 -13.22 16.78 -16.64
N ASN B 90 -14.09 17.80 -16.61
CA ASN B 90 -14.56 18.44 -17.83
C ASN B 90 -13.52 19.40 -18.40
N ASP B 91 -12.65 19.94 -17.55
CA ASP B 91 -11.62 20.87 -18.01
C ASP B 91 -10.57 20.12 -18.81
N GLY B 92 -10.46 20.43 -20.10
CA GLY B 92 -9.55 19.73 -20.99
C GLY B 92 -8.15 20.31 -20.99
N GLN B 93 -7.31 19.72 -21.84
CA GLN B 93 -5.90 20.06 -21.88
C GLN B 93 -5.67 21.53 -22.23
N ALA B 94 -6.35 22.02 -23.28
CA ALA B 94 -6.17 23.39 -23.70
C ALA B 94 -6.52 24.36 -22.58
N THR B 95 -7.59 24.06 -21.83
CA THR B 95 -8.00 24.93 -20.73
C THR B 95 -6.95 24.92 -19.62
N VAL B 96 -6.44 23.74 -19.27
CA VAL B 96 -5.37 23.65 -18.28
C VAL B 96 -4.16 24.47 -18.73
N PHE B 97 -3.72 24.26 -19.98
CA PHE B 97 -2.51 24.89 -20.48
C PHE B 97 -2.58 26.42 -20.40
N GLU B 98 -3.68 27.01 -20.86
CA GLU B 98 -3.79 28.46 -20.83
C GLU B 98 -3.78 28.98 -19.40
N ARG B 99 -4.46 28.27 -18.50
CA ARG B 99 -4.59 28.68 -17.12
C ARG B 99 -3.34 28.39 -16.28
N THR B 100 -2.45 27.51 -16.76
CA THR B 100 -1.30 27.06 -16.01
C THR B 100 0.03 27.57 -16.53
N SER B 101 0.15 27.80 -17.84
CA SER B 101 1.44 27.99 -18.46
C SER B 101 1.60 29.30 -19.23
N VAL B 102 0.50 29.94 -19.66
CA VAL B 102 0.63 31.08 -20.55
C VAL B 102 1.30 32.26 -19.85
N ASP B 103 0.97 32.50 -18.58
CA ASP B 103 1.61 33.61 -17.89
C ASP B 103 3.07 33.30 -17.59
N LEU B 104 3.42 32.01 -17.48
CA LEU B 104 4.82 31.63 -17.34
C LEU B 104 5.59 31.88 -18.63
N ILE B 105 4.98 31.59 -19.78
CA ILE B 105 5.62 31.90 -21.05
C ILE B 105 5.76 33.40 -21.22
N LEU B 106 4.74 34.17 -20.83
CA LEU B 106 4.89 35.62 -20.87
C LEU B 106 6.04 36.08 -19.98
N ASN B 107 6.20 35.46 -18.81
CA ASN B 107 7.38 35.73 -17.98
C ASN B 107 8.65 35.46 -18.76
N LEU B 108 8.71 34.30 -19.43
CA LEU B 108 9.89 33.93 -20.20
C LEU B 108 10.24 34.99 -21.24
N LEU B 109 9.24 35.51 -21.95
CA LEU B 109 9.51 36.52 -22.97
C LEU B 109 10.00 37.83 -22.36
N LYS B 110 9.59 38.13 -21.13
CA LYS B 110 10.03 39.33 -20.45
C LYS B 110 11.38 39.18 -19.76
N GLY B 111 12.07 38.06 -20.00
CA GLY B 111 13.35 37.82 -19.36
C GLY B 111 13.28 37.39 -17.90
N GLN B 112 12.15 36.84 -17.46
CA GLN B 112 12.00 36.40 -16.08
C GLN B 112 11.77 34.89 -16.05
N ASN B 113 12.02 34.30 -14.88
CA ASN B 113 12.05 32.85 -14.72
C ASN B 113 10.75 32.33 -14.15
N SER B 114 10.43 31.07 -14.47
CA SER B 114 9.20 30.43 -14.05
C SER B 114 9.46 28.96 -13.76
N LEU B 115 8.70 28.42 -12.82
CA LEU B 115 8.83 27.04 -12.37
C LEU B 115 7.44 26.43 -12.25
N LEU B 116 7.27 25.22 -12.80
CA LEU B 116 5.98 24.54 -12.81
C LEU B 116 6.16 23.10 -12.34
N PHE B 117 5.44 22.72 -11.29
CA PHE B 117 5.42 21.37 -10.75
C PHE B 117 4.12 20.67 -11.09
N THR B 118 4.19 19.36 -11.32
CA THR B 118 3.02 18.49 -11.23
C THR B 118 3.24 17.54 -10.06
N TYR B 119 2.28 17.50 -9.16
CA TYR B 119 2.38 16.73 -7.93
C TYR B 119 1.19 15.78 -7.83
N GLY B 120 1.40 14.63 -7.21
CA GLY B 120 0.31 13.71 -6.94
C GLY B 120 0.79 12.28 -6.90
N VAL B 121 -0.18 11.39 -6.68
CA VAL B 121 0.04 9.96 -6.57
C VAL B 121 0.30 9.36 -7.95
N THR B 122 0.80 8.12 -7.98
CA THR B 122 0.86 7.40 -9.24
C THR B 122 -0.55 7.10 -9.73
N GLY B 123 -0.75 7.19 -11.04
CA GLY B 123 -2.09 7.00 -11.58
C GLY B 123 -3.03 8.15 -11.33
N SER B 124 -2.50 9.33 -11.06
CA SER B 124 -3.34 10.49 -10.75
C SER B 124 -3.48 11.47 -11.91
N GLY B 125 -2.82 11.24 -13.03
CA GLY B 125 -2.86 12.16 -14.15
C GLY B 125 -1.70 13.13 -14.27
N LYS B 126 -0.60 12.91 -13.54
CA LYS B 126 0.56 13.79 -13.68
C LYS B 126 1.13 13.69 -15.09
N THR B 127 1.35 12.47 -15.57
CA THR B 127 1.92 12.28 -16.90
C THR B 127 0.95 12.75 -17.98
N TYR B 128 -0.35 12.55 -17.77
CA TYR B 128 -1.34 13.07 -18.69
C TYR B 128 -1.31 14.60 -18.74
N THR B 129 -1.24 15.25 -17.57
CA THR B 129 -1.15 16.71 -17.53
C THR B 129 0.12 17.23 -18.17
N MET B 130 1.26 16.59 -17.91
CA MET B 130 2.53 17.16 -18.33
C MET B 130 2.79 16.89 -19.82
N THR B 131 2.62 15.64 -20.24
CA THR B 131 2.89 15.24 -21.62
C THR B 131 1.65 14.70 -22.32
N GLY B 132 0.99 13.70 -21.74
CA GLY B 132 -0.24 13.24 -22.36
C GLY B 132 0.01 12.44 -23.63
N LYS B 133 -0.96 12.50 -24.51
CA LYS B 133 -0.95 11.75 -25.77
C LYS B 133 -0.87 12.73 -26.94
N PRO B 134 -0.11 12.41 -28.02
CA PRO B 134 0.11 13.42 -29.07
C PRO B 134 -1.11 13.73 -29.92
N THR B 135 -2.25 13.91 -29.27
CA THR B 135 -3.50 14.25 -29.93
C THR B 135 -4.04 15.57 -29.39
N GLU B 136 -5.11 16.03 -30.05
CA GLU B 136 -5.73 17.31 -29.69
C GLU B 136 -6.25 17.29 -28.26
N THR B 137 -6.91 16.19 -27.87
CA THR B 137 -7.43 16.03 -26.52
C THR B 137 -6.40 15.45 -25.56
N GLY B 138 -5.23 15.06 -26.05
CA GLY B 138 -4.26 14.39 -25.21
C GLY B 138 -3.04 15.21 -24.86
N THR B 139 -2.71 16.21 -25.68
CA THR B 139 -1.43 16.90 -25.55
C THR B 139 -1.39 17.71 -24.25
N GLY B 140 -0.34 17.53 -23.46
CA GLY B 140 -0.20 18.17 -22.17
C GLY B 140 0.51 19.51 -22.23
N LEU B 141 0.92 19.99 -21.05
CA LEU B 141 1.55 21.30 -20.94
C LEU B 141 2.85 21.37 -21.72
N LEU B 142 3.68 20.35 -21.64
CA LEU B 142 5.03 20.44 -22.17
C LEU B 142 5.04 20.67 -23.68
N PRO B 143 4.39 19.85 -24.52
CA PRO B 143 4.45 20.14 -25.96
C PRO B 143 3.79 21.45 -26.33
N ARG B 144 2.67 21.79 -25.68
CA ARG B 144 2.01 23.07 -25.96
C ARG B 144 2.91 24.24 -25.59
N THR B 145 3.59 24.16 -24.44
CA THR B 145 4.52 25.21 -24.03
C THR B 145 5.61 25.42 -25.06
N LEU B 146 6.23 24.32 -25.51
CA LEU B 146 7.24 24.40 -26.56
C LEU B 146 6.65 25.01 -27.83
N ASP B 147 5.45 24.59 -28.22
CA ASP B 147 4.79 25.17 -29.38
C ASP B 147 4.66 26.68 -29.25
N VAL B 148 4.09 27.13 -28.13
CA VAL B 148 3.79 28.55 -27.96
C VAL B 148 5.07 29.38 -27.89
N ILE B 149 6.10 28.87 -27.21
CA ILE B 149 7.37 29.60 -27.12
C ILE B 149 7.90 29.90 -28.52
N PHE B 150 8.05 28.86 -29.33
CA PHE B 150 8.60 29.06 -30.68
C PHE B 150 7.67 29.88 -31.56
N ASN B 151 6.35 29.83 -31.31
CA ASN B 151 5.44 30.71 -32.04
C ASN B 151 5.65 32.17 -31.67
N SER B 152 6.06 32.43 -30.43
CA SER B 152 6.03 33.78 -29.87
C SER B 152 7.37 34.51 -29.93
N ILE B 153 8.49 33.81 -30.15
CA ILE B 153 9.78 34.49 -30.21
C ILE B 153 10.06 34.91 -31.65
N ASN B 154 10.85 35.96 -31.79
CA ASN B 154 11.36 36.44 -33.07
C ASN B 154 12.88 36.51 -33.01
N ASN B 155 13.51 36.74 -34.15
CA ASN B 155 14.97 36.91 -34.25
C ASN B 155 15.70 35.68 -33.70
N ARG B 156 15.18 34.51 -34.01
CA ARG B 156 15.85 33.26 -33.68
C ARG B 156 17.02 33.06 -34.63
N VAL B 157 18.24 32.94 -34.08
CA VAL B 157 19.44 32.84 -34.92
C VAL B 157 19.75 31.41 -35.28
N GLU B 158 20.70 31.26 -36.19
CA GLU B 158 21.20 29.97 -36.59
C GLU B 158 21.94 29.34 -35.40
N LYS B 159 22.14 28.04 -35.48
CA LYS B 159 22.77 27.36 -34.36
C LYS B 159 24.26 27.70 -34.29
N CYS B 160 24.85 27.44 -33.11
CA CYS B 160 26.28 27.58 -32.83
C CYS B 160 26.77 29.01 -32.78
N ILE B 161 25.87 30.00 -32.79
CA ILE B 161 26.27 31.37 -32.47
C ILE B 161 26.38 31.56 -30.97
N PHE B 162 25.27 31.42 -30.25
CA PHE B 162 25.34 31.21 -28.81
C PHE B 162 25.82 29.79 -28.54
N TYR B 163 26.51 29.59 -27.42
CA TYR B 163 26.92 28.23 -27.07
C TYR B 163 27.17 28.14 -25.58
N PRO B 164 26.88 27.00 -24.96
CA PRO B 164 27.07 26.87 -23.52
C PRO B 164 28.55 26.95 -23.17
N SER B 165 28.84 27.64 -22.07
CA SER B 165 30.22 27.87 -21.65
C SER B 165 30.35 27.59 -20.15
N ALA B 166 31.57 27.73 -19.66
CA ALA B 166 31.91 27.34 -18.30
C ALA B 166 31.04 28.05 -17.27
N LEU B 167 30.81 27.37 -16.16
CA LEU B 167 30.12 27.95 -14.99
C LEU B 167 28.77 28.55 -15.38
N ASN B 168 27.97 27.76 -16.10
CA ASN B 168 26.57 28.07 -16.36
C ASN B 168 26.43 29.40 -17.13
N THR B 169 27.23 29.57 -18.17
CA THR B 169 27.19 30.77 -18.97
C THR B 169 27.02 30.43 -20.44
N PHE B 170 26.86 31.47 -21.24
CA PHE B 170 26.80 31.36 -22.68
C PHE B 170 27.76 32.39 -23.27
N GLU B 171 28.41 32.01 -24.35
CA GLU B 171 29.30 32.87 -25.10
C GLU B 171 28.75 33.01 -26.52
N ILE B 172 29.45 33.80 -27.32
CA ILE B 172 29.02 34.11 -28.68
C ILE B 172 30.20 33.89 -29.61
N ARG B 173 30.04 33.00 -30.59
CA ARG B 173 31.07 32.81 -31.59
C ARG B 173 31.02 33.92 -32.62
N ALA B 174 32.15 34.15 -33.27
CA ALA B 174 32.14 34.98 -34.47
C ALA B 174 31.47 34.22 -35.60
N THR B 175 31.05 34.97 -36.62
CA THR B 175 30.16 34.40 -37.62
C THR B 175 30.86 33.28 -38.38
N LEU B 176 32.13 33.46 -38.71
CA LEU B 176 32.89 32.42 -39.42
C LEU B 176 33.01 31.16 -38.57
N ASP B 177 33.28 31.32 -37.28
CA ASP B 177 33.37 30.18 -36.39
C ASP B 177 32.02 29.47 -36.26
N ALA B 178 30.95 30.25 -36.12
CA ALA B 178 29.62 29.64 -36.03
C ALA B 178 29.28 28.89 -37.31
N HIS B 179 29.72 29.41 -38.46
CA HIS B 179 29.51 28.72 -39.74
C HIS B 179 30.22 27.38 -39.74
N LEU B 180 31.48 27.35 -39.28
CA LEU B 180 32.23 26.09 -39.28
C LEU B 180 31.66 25.10 -38.26
N LYS B 181 31.26 25.57 -37.07
CA LYS B 181 30.62 24.68 -36.11
C LYS B 181 29.38 24.01 -36.67
N ARG B 182 28.53 24.77 -37.37
CA ARG B 182 27.32 24.22 -37.95
C ARG B 182 27.64 23.05 -38.86
N HIS B 183 28.66 23.20 -39.72
CA HIS B 183 29.08 22.13 -40.61
C HIS B 183 29.84 21.00 -39.91
N GLN B 184 30.39 21.23 -38.71
CA GLN B 184 30.86 20.08 -37.94
C GLN B 184 29.70 19.20 -37.51
N MET B 185 28.61 19.83 -37.08
CA MET B 185 27.46 19.11 -36.55
C MET B 185 26.44 18.78 -37.62
N ALA B 186 26.73 19.11 -38.89
CA ALA B 186 25.88 18.75 -40.03
C ALA B 186 24.41 19.14 -39.84
N ILE B 196 6.98 17.61 -40.49
CA ILE B 196 5.67 17.09 -40.86
C ILE B 196 5.41 15.79 -40.10
N THR B 197 4.59 15.86 -39.05
CA THR B 197 4.26 14.70 -38.24
C THR B 197 2.76 14.64 -37.98
N ASP B 198 2.36 13.65 -37.20
CA ASP B 198 0.97 13.45 -36.79
C ASP B 198 0.55 14.26 -35.58
N ARG B 199 1.48 14.69 -34.73
CA ARG B 199 1.11 15.25 -33.45
C ARG B 199 0.39 16.60 -33.59
N TYR B 200 -0.50 16.85 -32.64
CA TYR B 200 -1.16 18.15 -32.52
C TYR B 200 -0.16 19.23 -32.20
N CYS B 201 -0.40 20.44 -32.74
CA CYS B 201 0.48 21.60 -32.51
C CYS B 201 -0.34 22.79 -32.06
N GLU B 202 0.05 23.41 -30.95
CA GLU B 202 -0.63 24.62 -30.49
C GLU B 202 -0.31 25.79 -31.40
N ALA B 203 -1.36 26.52 -31.81
CA ALA B 203 -1.22 27.67 -32.69
C ALA B 203 -1.17 28.98 -31.93
N ILE B 204 -1.47 28.97 -30.62
CA ILE B 204 -1.47 30.19 -29.81
C ILE B 204 -0.14 30.92 -29.97
N LYS B 205 -0.22 32.23 -30.23
CA LYS B 205 0.95 33.10 -30.30
C LYS B 205 0.80 34.20 -29.27
N LEU B 206 1.71 34.24 -28.31
CA LEU B 206 1.75 35.29 -27.30
C LEU B 206 2.68 36.41 -27.74
N SER B 207 2.39 37.63 -27.29
CA SER B 207 3.22 38.78 -27.56
C SER B 207 4.04 39.15 -26.34
N GLY B 208 5.11 39.92 -26.57
CA GLY B 208 5.96 40.39 -25.50
C GLY B 208 7.44 40.18 -25.74
N TYR B 209 7.78 39.47 -26.81
CA TYR B 209 9.18 39.29 -27.15
C TYR B 209 9.79 40.62 -27.57
N ASN B 210 11.03 40.83 -27.16
CA ASN B 210 11.74 42.09 -27.40
C ASN B 210 12.47 41.98 -28.74
N ASP B 211 11.90 42.60 -29.79
CA ASP B 211 12.47 42.54 -31.12
C ASP B 211 13.82 43.24 -31.24
N ASP B 212 14.25 43.99 -30.23
CA ASP B 212 15.62 44.48 -30.21
C ASP B 212 16.60 43.43 -29.71
N MET B 213 16.09 42.26 -29.34
CA MET B 213 16.91 41.15 -28.88
C MET B 213 16.91 40.03 -29.91
N VAL B 214 18.03 39.39 -29.99
CA VAL B 214 18.24 38.16 -30.72
C VAL B 214 18.21 36.99 -29.73
N CYS B 215 17.80 35.81 -30.20
CA CYS B 215 17.67 34.71 -29.24
C CYS B 215 17.96 33.35 -29.87
N SER B 216 18.12 32.36 -28.98
CA SER B 216 18.21 30.95 -29.33
C SER B 216 17.71 30.18 -28.11
N VAL B 217 17.20 28.99 -28.33
CA VAL B 217 16.59 28.21 -27.27
C VAL B 217 17.47 27.01 -26.95
N PHE B 218 17.75 26.82 -25.68
CA PHE B 218 18.48 25.66 -25.17
C PHE B 218 17.60 24.94 -24.15
N VAL B 219 17.66 23.62 -24.14
CA VAL B 219 16.95 22.83 -23.15
C VAL B 219 17.94 21.96 -22.40
N THR B 220 17.71 21.81 -21.09
CA THR B 220 18.33 20.77 -20.30
C THR B 220 17.25 19.88 -19.74
N TYR B 221 17.51 18.57 -19.73
CA TYR B 221 16.58 17.58 -19.20
C TYR B 221 17.32 16.80 -18.12
N VAL B 222 16.87 16.92 -16.89
CA VAL B 222 17.60 16.46 -15.72
C VAL B 222 16.69 15.64 -14.82
N GLU B 223 17.24 14.59 -14.21
CA GLU B 223 16.50 13.70 -13.33
C GLU B 223 17.13 13.68 -11.94
N ILE B 224 16.28 13.76 -10.91
CA ILE B 224 16.70 13.63 -9.52
C ILE B 224 16.13 12.33 -9.00
N TYR B 225 17.00 11.36 -8.76
CA TYR B 225 16.61 10.03 -8.30
C TYR B 225 17.44 9.64 -7.10
N ASN B 226 16.77 9.36 -5.98
CA ASN B 226 17.42 8.89 -4.76
C ASN B 226 18.48 9.89 -4.30
N ASN B 227 18.07 11.17 -4.25
CA ASN B 227 18.91 12.29 -3.83
C ASN B 227 20.16 12.46 -4.71
N TYR B 228 20.19 11.83 -5.88
CA TYR B 228 21.26 12.01 -6.85
C TYR B 228 20.69 12.59 -8.13
N CYS B 229 21.51 13.37 -8.82
CA CYS B 229 21.09 14.10 -10.00
C CYS B 229 21.76 13.53 -11.25
N TYR B 230 20.96 13.26 -12.29
CA TYR B 230 21.48 12.65 -13.51
C TYR B 230 21.03 13.47 -14.72
N ASP B 231 21.91 13.61 -15.70
CA ASP B 231 21.60 14.31 -16.94
C ASP B 231 21.09 13.30 -17.95
N LEU B 232 19.78 13.31 -18.21
CA LEU B 232 19.19 12.41 -19.18
C LEU B 232 19.66 12.68 -20.60
N LEU B 233 20.32 13.80 -20.86
CA LEU B 233 20.79 14.11 -22.19
C LEU B 233 22.27 13.79 -22.36
N GLU B 234 22.90 13.19 -21.34
CA GLU B 234 24.27 12.73 -21.47
C GLU B 234 24.35 11.61 -22.50
N ASP B 235 25.43 11.60 -23.28
CA ASP B 235 25.68 10.49 -24.21
C ASP B 235 26.26 9.33 -23.39
N ALA B 236 25.35 8.61 -22.74
CA ALA B 236 25.74 7.61 -21.75
C ALA B 236 26.48 6.44 -22.40
N ARG B 237 27.68 6.16 -21.91
CA ARG B 237 28.45 5.01 -22.35
C ARG B 237 28.10 3.81 -21.47
N ASN B 238 28.13 2.62 -22.09
CA ASN B 238 27.73 1.38 -21.44
C ASN B 238 26.26 1.39 -21.02
N GLY B 239 25.54 2.49 -21.25
CA GLY B 239 24.17 2.58 -20.80
C GLY B 239 23.94 3.03 -19.38
N VAL B 240 24.89 3.77 -18.80
CA VAL B 240 24.77 4.21 -17.42
C VAL B 240 24.93 5.72 -17.37
N LEU B 241 24.09 6.36 -16.56
CA LEU B 241 24.08 7.80 -16.38
C LEU B 241 25.01 8.22 -15.25
N THR B 242 25.80 9.27 -15.48
CA THR B 242 26.74 9.79 -14.51
C THR B 242 26.06 10.74 -13.53
N LYS B 243 26.44 10.63 -12.25
CA LYS B 243 25.95 11.57 -11.24
C LYS B 243 26.45 12.97 -11.52
N ARG B 244 25.61 13.95 -11.23
CA ARG B 244 25.87 15.35 -11.51
C ARG B 244 25.72 16.18 -10.24
N GLU B 245 26.50 17.25 -10.18
CA GLU B 245 26.60 18.10 -9.00
C GLU B 245 25.70 19.33 -9.16
N ILE B 246 24.93 19.62 -8.12
CA ILE B 246 24.13 20.83 -8.07
C ILE B 246 24.94 21.91 -7.36
N ARG B 247 25.17 23.01 -8.05
CA ARG B 247 25.99 24.10 -7.52
C ARG B 247 25.43 25.42 -8.03
N HIS B 248 25.99 26.51 -7.51
CA HIS B 248 25.63 27.85 -7.94
C HIS B 248 26.72 28.42 -8.83
N ASP B 249 26.36 29.43 -9.60
CA ASP B 249 27.31 30.15 -10.42
C ASP B 249 27.65 31.47 -9.74
N ARG B 250 28.39 32.33 -10.44
CA ARG B 250 28.81 33.59 -9.83
C ARG B 250 27.62 34.51 -9.54
N GLN B 251 26.51 34.33 -10.25
CA GLN B 251 25.29 35.09 -9.97
C GLN B 251 24.46 34.45 -8.86
N GLN B 252 24.99 33.44 -8.18
CA GLN B 252 24.29 32.69 -7.12
C GLN B 252 23.09 31.91 -7.65
N GLN B 253 23.01 31.73 -8.97
CA GLN B 253 21.92 30.99 -9.58
C GLN B 253 22.26 29.50 -9.61
N MET B 254 21.29 28.67 -9.26
CA MET B 254 21.48 27.23 -9.21
C MET B 254 21.56 26.64 -10.62
N TYR B 255 22.37 25.59 -10.75
CA TYR B 255 22.43 24.83 -12.00
C TYR B 255 23.06 23.48 -11.70
N VAL B 256 22.96 22.59 -12.68
CA VAL B 256 23.53 21.26 -12.58
C VAL B 256 24.85 21.26 -13.33
N ASP B 257 25.94 21.13 -12.59
CA ASP B 257 27.28 21.20 -13.17
C ASP B 257 27.41 20.16 -14.28
N GLY B 258 27.94 20.57 -15.42
CA GLY B 258 28.13 19.62 -16.50
C GLY B 258 26.89 18.99 -17.10
N ALA B 259 25.70 19.49 -16.77
CA ALA B 259 24.50 19.07 -17.48
C ALA B 259 24.54 19.67 -18.89
N LYS B 260 24.03 18.92 -19.85
CA LYS B 260 24.18 19.28 -21.26
C LYS B 260 23.06 20.24 -21.67
N ASP B 261 23.45 21.41 -22.19
CA ASP B 261 22.52 22.38 -22.76
C ASP B 261 22.41 22.12 -24.27
N VAL B 262 21.25 21.69 -24.73
CA VAL B 262 21.06 21.26 -26.11
C VAL B 262 20.32 22.37 -26.86
N GLU B 263 20.94 22.89 -27.92
CA GLU B 263 20.31 23.95 -28.70
C GLU B 263 19.24 23.38 -29.62
N VAL B 264 18.06 23.97 -29.57
CA VAL B 264 16.91 23.51 -30.36
C VAL B 264 16.35 24.70 -31.12
N SER B 265 16.06 24.50 -32.41
CA SER B 265 15.56 25.55 -33.28
C SER B 265 14.06 25.50 -33.50
N SER B 266 13.38 24.44 -33.05
CA SER B 266 11.96 24.31 -33.27
C SER B 266 11.33 23.48 -32.17
N SER B 267 10.03 23.65 -32.01
CA SER B 267 9.26 22.83 -31.08
C SER B 267 9.47 21.35 -31.32
N GLU B 268 9.51 20.93 -32.59
CA GLU B 268 9.71 19.52 -32.89
C GLU B 268 11.07 19.06 -32.39
N GLU B 269 12.12 19.87 -32.60
CA GLU B 269 13.46 19.51 -32.13
C GLU B 269 13.51 19.39 -30.61
N ALA B 270 12.82 20.29 -29.91
CA ALA B 270 12.81 20.21 -28.44
C ALA B 270 12.15 18.92 -27.96
N LEU B 271 11.06 18.51 -28.60
CA LEU B 271 10.40 17.26 -28.23
C LEU B 271 11.26 16.07 -28.58
N GLU B 272 12.01 16.15 -29.69
CA GLU B 272 12.95 15.09 -30.03
C GLU B 272 14.00 14.94 -28.93
N VAL B 273 14.42 16.07 -28.35
CA VAL B 273 15.36 16.02 -27.23
C VAL B 273 14.69 15.44 -26.00
N PHE B 274 13.45 15.85 -25.71
CA PHE B 274 12.73 15.30 -24.57
C PHE B 274 12.57 13.78 -24.70
N CYS B 275 12.20 13.31 -25.89
CA CYS B 275 12.00 11.88 -26.08
C CYS B 275 13.31 11.12 -25.94
N LEU B 276 14.40 11.71 -26.40
CA LEU B 276 15.71 11.10 -26.17
C LEU B 276 16.01 10.99 -24.69
N GLY B 277 15.66 12.03 -23.91
CA GLY B 277 15.86 11.96 -22.47
C GLY B 277 15.04 10.87 -21.81
N GLU B 278 13.78 10.72 -22.22
CA GLU B 278 12.94 9.64 -21.69
C GLU B 278 13.51 8.28 -22.07
N GLU B 279 14.03 8.16 -23.30
CA GLU B 279 14.68 6.92 -23.72
C GLU B 279 15.84 6.57 -22.82
N ARG B 280 16.64 7.57 -22.45
CA ARG B 280 17.76 7.36 -21.55
C ARG B 280 17.27 7.06 -20.14
N ARG B 281 16.18 7.71 -19.73
CA ARG B 281 15.64 7.52 -18.39
C ARG B 281 15.16 6.09 -18.18
N ARG B 282 14.75 5.40 -19.24
CA ARG B 282 14.25 4.04 -19.09
C ARG B 282 15.34 2.98 -19.23
N VAL B 283 16.59 3.40 -19.51
CA VAL B 283 17.71 2.46 -19.52
C VAL B 283 18.29 2.48 -18.11
N SER B 284 17.57 3.14 -17.18
CA SER B 284 17.96 3.11 -15.79
C SER B 284 17.67 1.74 -15.17
N SER B 285 16.68 1.03 -15.70
CA SER B 285 16.36 -0.30 -15.22
C SER B 285 17.50 -1.29 -15.51
N LYS B 290 13.19 2.30 -12.19
CA LYS B 290 12.49 1.89 -13.40
C LYS B 290 11.42 2.91 -13.78
N ASP B 291 10.45 3.11 -12.88
CA ASP B 291 9.29 3.94 -13.20
C ASP B 291 9.60 5.42 -13.03
N SER B 292 8.90 6.24 -13.82
CA SER B 292 9.02 7.70 -13.72
C SER B 292 8.45 8.23 -12.40
N SER B 293 7.59 7.48 -11.73
CA SER B 293 7.08 7.87 -10.42
C SER B 293 8.14 7.72 -9.33
N ARG B 294 9.24 7.03 -9.62
CA ARG B 294 10.30 6.78 -8.67
C ARG B 294 11.32 7.91 -8.61
N SER B 295 11.20 8.92 -9.48
CA SER B 295 12.17 10.00 -9.53
C SER B 295 11.48 11.29 -9.96
N HIS B 296 12.19 12.41 -9.80
CA HIS B 296 11.76 13.72 -10.26
C HIS B 296 12.42 14.04 -11.59
N SER B 297 11.64 14.50 -12.55
CA SER B 297 12.16 14.88 -13.86
C SER B 297 12.04 16.39 -14.05
N VAL B 298 13.14 17.02 -14.47
CA VAL B 298 13.24 18.48 -14.57
C VAL B 298 13.60 18.83 -16.01
N PHE B 299 12.66 19.42 -16.73
CA PHE B 299 12.87 19.84 -18.12
C PHE B 299 12.90 21.36 -18.15
N THR B 300 14.06 21.93 -18.46
CA THR B 300 14.25 23.39 -18.42
C THR B 300 14.41 23.93 -19.82
N ILE B 301 13.52 24.85 -20.19
CA ILE B 301 13.59 25.57 -21.44
C ILE B 301 14.25 26.92 -21.16
N LYS B 302 15.41 27.16 -21.78
CA LYS B 302 16.13 28.39 -21.60
C LYS B 302 16.05 29.24 -22.86
N LEU B 303 15.63 30.49 -22.70
CA LEU B 303 15.60 31.45 -23.78
C LEU B 303 16.82 32.37 -23.65
N VAL B 304 17.86 32.08 -24.41
CA VAL B 304 19.11 32.83 -24.36
C VAL B 304 19.01 34.00 -25.33
N MET B 305 19.06 35.22 -24.79
CA MET B 305 18.88 36.44 -25.57
C MET B 305 20.12 37.33 -25.49
N ALA B 306 20.32 38.11 -26.54
CA ALA B 306 21.39 39.11 -26.58
C ALA B 306 20.95 40.23 -27.51
N PRO B 307 21.41 41.46 -27.26
CA PRO B 307 21.00 42.59 -28.11
C PRO B 307 21.35 42.36 -29.58
N ARG B 308 20.40 42.65 -30.45
CA ARG B 308 20.63 42.48 -31.88
C ARG B 308 21.65 43.48 -32.39
N ALA B 309 22.56 42.99 -33.24
CA ALA B 309 23.60 43.85 -33.78
C ALA B 309 23.07 44.65 -34.96
N TYR B 310 23.42 45.93 -35.00
CA TYR B 310 23.06 46.77 -36.13
C TYR B 310 24.08 46.61 -37.26
N GLU B 311 23.77 47.22 -38.40
CA GLU B 311 24.70 47.36 -39.51
C GLU B 311 25.12 46.01 -40.09
N THR B 312 24.23 45.02 -40.02
CA THR B 312 24.47 43.72 -40.67
C THR B 312 23.18 43.23 -41.31
N LYS B 313 23.27 42.70 -42.53
CA LYS B 313 22.11 42.17 -43.23
C LYS B 313 21.60 40.88 -42.61
N SER B 314 22.30 40.34 -41.62
CA SER B 314 21.92 39.10 -40.97
C SER B 314 21.25 39.39 -39.63
N VAL B 315 20.76 38.33 -39.00
CA VAL B 315 20.21 38.38 -37.65
C VAL B 315 21.30 37.84 -36.73
N TYR B 316 21.95 38.74 -35.99
CA TYR B 316 23.12 38.37 -35.20
C TYR B 316 23.16 39.21 -33.94
N PRO B 317 23.64 38.66 -32.83
CA PRO B 317 23.80 39.45 -31.62
C PRO B 317 25.06 40.28 -31.65
N THR B 318 25.09 41.29 -30.78
CA THR B 318 26.36 41.95 -30.51
C THR B 318 27.31 40.96 -29.85
N MET B 319 28.60 41.14 -30.14
CA MET B 319 29.62 40.18 -29.72
C MET B 319 29.87 40.19 -28.22
N ASP B 320 29.41 41.22 -27.50
CA ASP B 320 29.67 41.34 -26.07
C ASP B 320 28.82 40.31 -25.32
N SER B 321 29.46 39.22 -24.88
CA SER B 321 28.74 38.15 -24.19
C SER B 321 28.16 38.61 -22.85
N SER B 322 28.72 39.66 -22.26
CA SER B 322 28.18 40.17 -21.01
C SER B 322 26.78 40.76 -21.18
N GLN B 323 26.37 41.07 -22.41
CA GLN B 323 25.03 41.58 -22.69
C GLN B 323 23.98 40.47 -22.74
N ILE B 324 24.38 39.20 -22.65
CA ILE B 324 23.44 38.10 -22.75
C ILE B 324 22.51 38.09 -21.55
N ILE B 325 21.21 37.92 -21.81
CA ILE B 325 20.21 37.72 -20.77
C ILE B 325 19.58 36.35 -21.01
N VAL B 326 19.44 35.57 -19.93
CA VAL B 326 18.88 34.23 -20.01
C VAL B 326 17.68 34.14 -19.09
N SER B 327 16.56 33.68 -19.63
CA SER B 327 15.38 33.38 -18.82
C SER B 327 15.04 31.91 -18.96
N GLN B 328 14.37 31.38 -17.94
CA GLN B 328 14.09 29.96 -17.81
C GLN B 328 12.61 29.71 -17.58
N LEU B 329 12.08 28.68 -18.23
CA LEU B 329 10.81 28.07 -17.84
C LEU B 329 11.11 26.62 -17.49
N CYS B 330 10.88 26.26 -16.24
N CYS B 330 10.96 26.27 -16.21
CA CYS B 330 11.27 24.95 -15.73
CA CYS B 330 11.25 24.94 -15.72
C CYS B 330 10.02 24.13 -15.39
C CYS B 330 9.96 24.17 -15.48
N LEU B 331 9.89 22.97 -16.03
CA LEU B 331 8.74 22.08 -15.87
C LEU B 331 9.19 20.82 -15.15
N VAL B 332 8.58 20.53 -13.99
CA VAL B 332 9.01 19.47 -13.10
C VAL B 332 7.88 18.49 -12.88
N ASP B 333 8.12 17.22 -13.16
CA ASP B 333 7.16 16.13 -12.93
C ASP B 333 7.63 15.36 -11.69
N LEU B 334 7.06 15.72 -10.55
CA LEU B 334 7.53 15.17 -9.28
C LEU B 334 7.28 13.66 -9.20
N ALA B 335 8.08 13.01 -8.36
CA ALA B 335 7.90 11.60 -8.08
C ALA B 335 6.56 11.39 -7.38
N GLY B 336 6.03 10.17 -7.52
CA GLY B 336 4.78 9.81 -6.87
C GLY B 336 4.84 9.96 -5.37
N SER B 337 3.83 10.62 -4.78
CA SER B 337 3.80 10.81 -3.34
C SER B 337 3.63 9.50 -2.59
N GLU B 338 3.13 8.46 -3.27
CA GLU B 338 3.01 7.09 -2.75
C GLU B 338 2.70 7.01 -1.26
N GLU B 352 15.47 4.67 -0.76
CA GLU B 352 14.90 5.23 -1.99
C GLU B 352 13.55 5.89 -1.72
N ALA B 353 12.67 5.16 -1.02
CA ALA B 353 11.39 5.72 -0.64
C ALA B 353 11.56 6.84 0.37
N ASN B 354 12.61 6.76 1.19
CA ASN B 354 12.89 7.80 2.15
C ASN B 354 13.33 9.07 1.44
N SER B 355 14.12 8.95 0.38
CA SER B 355 14.56 10.12 -0.38
C SER B 355 13.37 10.83 -1.01
N ILE B 356 12.46 10.07 -1.61
CA ILE B 356 11.31 10.67 -2.29
C ILE B 356 10.44 11.42 -1.29
N ASN B 357 10.15 10.78 -0.16
CA ASN B 357 9.27 11.39 0.83
C ASN B 357 9.98 12.53 1.55
N GLN B 358 11.30 12.42 1.73
CA GLN B 358 12.09 13.52 2.28
C GLN B 358 12.05 14.74 1.37
N SER B 359 12.23 14.54 0.07
CA SER B 359 12.29 15.66 -0.85
C SER B 359 10.94 16.36 -0.97
N LEU B 360 9.87 15.58 -1.08
CA LEU B 360 8.53 16.17 -1.20
C LEU B 360 8.11 16.88 0.08
N MET B 361 8.51 16.35 1.23
CA MET B 361 8.18 16.98 2.50
C MET B 361 8.93 18.31 2.66
N THR B 362 10.19 18.35 2.25
CA THR B 362 10.94 19.60 2.30
C THR B 362 10.32 20.63 1.37
N LEU B 363 9.85 20.19 0.20
CA LEU B 363 9.18 21.10 -0.72
C LEU B 363 7.96 21.74 -0.07
N ARG B 364 7.17 20.93 0.65
CA ARG B 364 6.02 21.46 1.38
C ARG B 364 6.47 22.57 2.33
N GLN B 365 7.45 22.27 3.20
CA GLN B 365 7.95 23.27 4.13
C GLN B 365 8.48 24.49 3.41
N CYS B 366 9.16 24.28 2.26
CA CYS B 366 9.81 25.40 1.58
C CYS B 366 8.80 26.37 1.00
N ILE B 367 7.74 25.85 0.37
CA ILE B 367 6.72 26.76 -0.16
C ILE B 367 5.90 27.38 0.97
N GLU B 368 5.83 26.73 2.13
CA GLU B 368 5.15 27.33 3.27
C GLU B 368 5.96 28.50 3.83
N VAL B 369 7.28 28.34 3.94
CA VAL B 369 8.14 29.46 4.32
C VAL B 369 8.06 30.56 3.26
N LEU B 370 7.99 30.17 1.99
CA LEU B 370 7.91 31.15 0.91
C LEU B 370 6.65 31.99 1.01
N ARG B 371 5.51 31.36 1.33
CA ARG B 371 4.25 32.11 1.45
C ARG B 371 4.33 33.15 2.56
N ARG B 372 4.87 32.76 3.72
CA ARG B 372 4.97 33.69 4.84
C ARG B 372 5.93 34.84 4.54
N ASN B 373 7.02 34.55 3.83
CA ASN B 373 7.99 35.58 3.49
C ASN B 373 7.38 36.65 2.59
N GLN B 374 6.43 36.26 1.74
CA GLN B 374 5.77 37.19 0.82
C GLN B 374 4.85 38.17 1.55
N LYS B 375 4.51 37.91 2.81
CA LYS B 375 3.65 38.79 3.59
C LYS B 375 4.44 39.68 4.55
N GLN B 379 10.68 43.60 5.66
CA GLN B 379 11.08 43.25 7.02
C GLN B 379 11.91 41.96 7.04
N ASN B 380 12.21 41.49 8.24
CA ASN B 380 13.03 40.28 8.40
C ASN B 380 12.28 39.05 7.91
N LEU B 381 12.86 38.36 6.94
CA LEU B 381 12.30 37.15 6.35
C LEU B 381 13.01 35.91 6.87
N GLU B 382 12.27 34.81 6.95
CA GLU B 382 12.79 33.59 7.59
C GLU B 382 13.42 32.66 6.55
N GLN B 383 14.38 31.87 7.02
CA GLN B 383 15.17 31.02 6.14
C GLN B 383 14.32 29.92 5.52
N VAL B 384 14.56 29.65 4.24
CA VAL B 384 13.93 28.54 3.53
C VAL B 384 14.83 27.32 3.67
N PRO B 385 14.34 26.19 4.22
CA PRO B 385 15.22 25.04 4.42
C PRO B 385 15.50 24.27 3.12
N TYR B 386 16.01 24.96 2.11
CA TYR B 386 16.15 24.35 0.79
C TYR B 386 17.28 23.34 0.72
N ARG B 387 18.18 23.31 1.70
CA ARG B 387 19.31 22.39 1.70
C ARG B 387 18.95 20.99 2.15
N GLN B 388 17.71 20.77 2.63
CA GLN B 388 17.36 19.46 3.18
C GLN B 388 17.22 18.37 2.12
N SER B 389 17.18 18.72 0.84
CA SER B 389 17.19 17.71 -0.22
C SER B 389 17.71 18.34 -1.51
N LYS B 390 18.22 17.47 -2.39
CA LYS B 390 18.74 17.94 -3.68
C LYS B 390 17.67 18.66 -4.48
N LEU B 391 16.44 18.16 -4.46
CA LEU B 391 15.38 18.74 -5.29
C LEU B 391 15.11 20.19 -4.91
N THR B 392 14.90 20.46 -3.63
CA THR B 392 14.59 21.83 -3.22
C THR B 392 15.82 22.74 -3.31
N HIS B 393 17.01 22.17 -3.16
CA HIS B 393 18.24 22.95 -3.33
C HIS B 393 18.37 23.45 -4.77
N LEU B 394 18.00 22.61 -5.75
CA LEU B 394 18.08 23.02 -7.15
C LEU B 394 17.16 24.19 -7.45
N PHE B 395 16.11 24.39 -6.65
CA PHE B 395 15.20 25.50 -6.84
C PHE B 395 15.30 26.52 -5.71
N LYS B 396 16.51 26.69 -5.18
CA LYS B 396 16.74 27.69 -4.12
C LYS B 396 16.27 29.07 -4.55
N ASN B 397 16.64 29.47 -5.77
CA ASN B 397 16.31 30.81 -6.24
C ASN B 397 14.81 31.05 -6.22
N TYR B 398 14.04 30.12 -6.79
CA TYR B 398 12.59 30.25 -6.79
C TYR B 398 12.04 30.26 -5.37
N LEU B 399 12.49 29.32 -4.54
CA LEU B 399 11.93 29.20 -3.19
C LEU B 399 12.33 30.38 -2.31
N GLU B 400 13.39 31.10 -2.67
CA GLU B 400 13.71 32.37 -2.03
C GLU B 400 13.04 33.56 -2.71
N GLY B 401 12.05 33.32 -3.57
CA GLY B 401 11.22 34.40 -4.05
C GLY B 401 11.65 35.12 -5.32
N ASN B 402 12.48 34.50 -6.16
CA ASN B 402 12.98 35.25 -7.31
C ASN B 402 12.15 35.03 -8.56
N GLY B 403 11.63 33.83 -8.78
CA GLY B 403 10.87 33.51 -9.96
C GLY B 403 9.38 33.43 -9.68
N LYS B 404 8.66 32.80 -10.60
CA LYS B 404 7.25 32.56 -10.47
C LYS B 404 7.04 31.05 -10.39
N ILE B 405 6.33 30.62 -9.36
CA ILE B 405 6.10 29.20 -9.09
C ILE B 405 4.62 28.91 -9.20
N ARG B 406 4.27 27.89 -9.96
CA ARG B 406 2.92 27.33 -9.97
C ARG B 406 3.01 25.83 -9.77
N MET B 407 2.21 25.31 -8.83
CA MET B 407 2.15 23.88 -8.58
C MET B 407 0.78 23.34 -8.99
N VAL B 408 0.79 22.22 -9.71
CA VAL B 408 -0.42 21.56 -10.18
C VAL B 408 -0.57 20.28 -9.36
N ILE B 409 -1.52 20.28 -8.42
CA ILE B 409 -1.79 19.09 -7.61
C ILE B 409 -2.78 18.22 -8.40
N CYS B 410 -2.32 17.06 -8.86
CA CYS B 410 -3.18 16.09 -9.52
C CYS B 410 -3.74 15.12 -8.48
N VAL B 411 -5.06 14.92 -8.51
CA VAL B 411 -5.72 14.05 -7.54
C VAL B 411 -6.69 13.13 -8.26
N ASN B 412 -6.74 11.87 -7.81
CA ASN B 412 -7.69 10.91 -8.33
C ASN B 412 -8.84 10.80 -7.35
N PRO B 413 -10.09 11.03 -7.78
CA PRO B 413 -11.22 10.93 -6.85
C PRO B 413 -11.52 9.52 -6.41
N LYS B 414 -10.80 8.53 -6.94
CA LYS B 414 -11.03 7.14 -6.57
C LYS B 414 -10.86 6.97 -5.05
N PRO B 415 -11.72 6.17 -4.41
CA PRO B 415 -11.60 6.00 -2.96
C PRO B 415 -10.31 5.32 -2.53
N ASP B 416 -9.62 4.64 -3.46
CA ASP B 416 -8.36 4.00 -3.11
C ASP B 416 -7.30 5.04 -2.74
N ASP B 417 -7.29 6.17 -3.45
CA ASP B 417 -6.31 7.22 -3.24
C ASP B 417 -6.75 8.25 -2.20
N TYR B 418 -7.63 7.87 -1.28
CA TYR B 418 -8.18 8.84 -0.33
C TYR B 418 -7.08 9.41 0.57
N ASP B 419 -6.38 8.54 1.30
CA ASP B 419 -5.37 9.01 2.25
C ASP B 419 -4.26 9.77 1.54
N GLU B 420 -3.91 9.35 0.32
CA GLU B 420 -2.86 10.03 -0.42
C GLU B 420 -3.33 11.39 -0.93
N ASN B 421 -4.64 11.55 -1.17
CA ASN B 421 -5.17 12.87 -1.51
C ASN B 421 -5.16 13.80 -0.31
N MET B 422 -5.24 13.26 0.91
CA MET B 422 -5.22 14.09 2.11
C MET B 422 -3.90 14.83 2.24
N SER B 423 -2.79 14.16 1.91
CA SER B 423 -1.47 14.79 1.98
C SER B 423 -1.24 15.73 0.80
N ALA B 424 -1.73 15.35 -0.38
CA ALA B 424 -1.50 16.17 -1.56
C ALA B 424 -2.26 17.48 -1.49
N LEU B 425 -3.46 17.47 -0.91
CA LEU B 425 -4.25 18.69 -0.80
C LEU B 425 -3.81 19.58 0.37
N ALA B 426 -2.92 19.09 1.23
CA ALA B 426 -2.37 19.94 2.29
C ALA B 426 -1.54 21.09 1.73
N PHE B 427 -1.15 21.01 0.46
CA PHE B 427 -0.48 22.10 -0.24
C PHE B 427 -1.36 23.30 -0.47
N ALA B 428 -2.61 23.30 -0.01
CA ALA B 428 -3.55 24.35 -0.36
C ALA B 428 -3.09 25.70 0.21
N GLU B 429 -3.35 26.76 -0.55
CA GLU B 429 -3.03 28.11 -0.09
C GLU B 429 -3.70 28.39 1.26
N GLU B 430 -4.93 27.90 1.44
CA GLU B 430 -5.57 27.89 2.74
C GLU B 430 -6.60 26.77 2.73
N SER B 431 -6.97 26.32 3.93
CA SER B 431 -7.85 25.17 4.08
C SER B 431 -8.87 25.45 5.18
N GLN B 432 -10.04 24.84 5.04
CA GLN B 432 -11.15 25.03 5.96
C GLN B 432 -11.64 23.66 6.42
N THR B 433 -12.11 23.62 7.67
CA THR B 433 -11.99 22.41 8.48
C THR B 433 -12.98 21.31 8.08
N ILE B 434 -14.26 21.64 7.94
CA ILE B 434 -15.29 20.59 7.79
C ILE B 434 -15.32 20.00 6.39
#